data_2QFD
#
_entry.id   2QFD
#
_cell.length_a   97.150
_cell.length_b   76.540
_cell.length_c   137.900
_cell.angle_alpha   90.00
_cell.angle_beta   93.07
_cell.angle_gamma   90.00
#
_symmetry.space_group_name_H-M   'P 1 21 1'
#
loop_
_entity.id
_entity.type
_entity.pdbx_description
1 polymer 'Probable ATP-dependent RNA helicase DDX58'
2 non-polymer 'MERCURY (II) ION'
3 water water
#
_entity_poly.entity_id   1
_entity_poly.type   'polypeptide(L)'
_entity_poly.pdbx_seq_one_letter_code
;MGSSHHHHHHSSGLVPRGSHMDKENKKLLCRKCKALACYTADVRVIEECHYTVLGDAFKECFVSRPHPKPKQFSSFEKRA
KIFCARQNCSHDWGIHVKYKTFEIPVIKIESFVVEDIATGVQTLYSKWKDFHFEKIPFDPAEMSK
;
_entity_poly.pdbx_strand_id   A,B,C,D,E,F,G,H,I,J
#
loop_
_chem_comp.id
_chem_comp.type
_chem_comp.name
_chem_comp.formula
HG non-polymer 'MERCURY (II) ION' 'Hg 2'
#
# COMPACT_ATOMS: atom_id res chain seq x y z
N LYS A 23 8.76 -4.41 -11.41
CA LYS A 23 7.91 -3.28 -10.95
C LYS A 23 6.92 -3.72 -9.86
N GLU A 24 5.71 -3.19 -9.92
CA GLU A 24 4.69 -3.53 -8.94
C GLU A 24 3.96 -4.83 -9.31
N ASN A 25 3.45 -5.51 -8.29
CA ASN A 25 2.70 -6.73 -8.53
C ASN A 25 1.57 -6.37 -9.47
N LYS A 26 1.26 -7.26 -10.42
CA LYS A 26 0.17 -7.00 -11.37
C LYS A 26 -0.80 -8.16 -11.51
N LYS A 27 -1.92 -7.87 -12.16
CA LYS A 27 -2.96 -8.88 -12.37
C LYS A 27 -2.99 -9.40 -13.80
N LEU A 28 -3.27 -10.68 -13.92
CA LEU A 28 -3.40 -11.30 -15.22
C LEU A 28 -4.87 -11.69 -15.28
N LEU A 29 -5.56 -11.17 -16.28
CA LEU A 29 -6.98 -11.46 -16.46
C LEU A 29 -7.14 -12.21 -17.77
N CYS A 30 -8.10 -13.12 -17.81
CA CYS A 30 -8.40 -13.89 -19.00
C CYS A 30 -8.72 -12.90 -20.12
N ARG A 31 -7.97 -12.96 -21.21
CA ARG A 31 -8.20 -12.06 -22.32
C ARG A 31 -9.67 -12.04 -22.75
N LYS A 32 -10.30 -13.19 -22.79
CA LYS A 32 -11.68 -13.29 -23.23
C LYS A 32 -12.77 -12.93 -22.22
N CYS A 33 -12.70 -13.48 -21.01
CA CYS A 33 -13.73 -13.19 -20.01
C CYS A 33 -13.33 -12.17 -18.96
N LYS A 34 -12.03 -11.90 -18.83
CA LYS A 34 -11.53 -10.92 -17.87
C LYS A 34 -11.48 -11.38 -16.41
N ALA A 35 -11.84 -12.62 -16.15
CA ALA A 35 -11.79 -13.14 -14.79
C ALA A 35 -10.35 -13.06 -14.29
N LEU A 36 -10.19 -12.85 -12.98
CA LEU A 36 -8.85 -12.78 -12.39
C LEU A 36 -8.20 -14.16 -12.47
N ALA A 37 -7.04 -14.25 -13.11
CA ALA A 37 -6.34 -15.51 -13.26
C ALA A 37 -5.30 -15.70 -12.17
N CYS A 38 -4.33 -14.80 -12.11
CA CYS A 38 -3.29 -14.88 -11.08
C CYS A 38 -2.57 -13.55 -10.94
N TYR A 39 -1.54 -13.50 -10.10
CA TYR A 39 -0.76 -12.28 -9.93
C TYR A 39 0.66 -12.53 -10.42
N THR A 40 1.32 -11.48 -10.88
CA THR A 40 2.69 -11.63 -11.35
C THR A 40 3.56 -12.17 -10.22
N ALA A 41 3.17 -11.90 -9.00
CA ALA A 41 3.93 -12.39 -7.86
C ALA A 41 3.93 -13.91 -7.83
N ASP A 42 2.81 -14.52 -8.27
CA ASP A 42 2.72 -15.98 -8.26
C ASP A 42 3.49 -16.63 -9.39
N VAL A 43 3.79 -15.86 -10.44
CA VAL A 43 4.48 -16.41 -11.60
C VAL A 43 5.90 -16.83 -11.31
N ARG A 44 6.35 -17.90 -11.98
CA ARG A 44 7.72 -18.42 -11.85
C ARG A 44 8.22 -18.81 -13.25
N VAL A 45 9.53 -18.72 -13.45
CA VAL A 45 10.14 -19.02 -14.75
C VAL A 45 10.97 -20.30 -14.84
N ILE A 46 10.61 -21.17 -15.76
CA ILE A 46 11.33 -22.41 -15.98
C ILE A 46 12.12 -22.34 -17.28
N GLU A 47 13.43 -22.64 -17.18
CA GLU A 47 14.33 -22.65 -18.32
C GLU A 47 14.33 -21.31 -19.05
N GLU A 48 14.17 -20.23 -18.29
CA GLU A 48 14.20 -18.87 -18.86
C GLU A 48 13.05 -18.46 -19.80
N CYS A 49 12.25 -19.40 -20.28
CA CYS A 49 11.22 -19.01 -21.22
C CYS A 49 9.84 -19.65 -20.98
N HIS A 50 9.72 -20.49 -19.96
CA HIS A 50 8.45 -21.09 -19.70
C HIS A 50 7.90 -20.55 -18.40
N TYR A 51 6.68 -20.04 -18.44
CA TYR A 51 6.09 -19.45 -17.26
C TYR A 51 5.02 -20.30 -16.59
N THR A 52 5.25 -20.62 -15.31
CA THR A 52 4.29 -21.42 -14.55
C THR A 52 3.75 -20.54 -13.44
N VAL A 53 2.69 -21.00 -12.79
CA VAL A 53 2.07 -20.23 -11.72
C VAL A 53 1.93 -21.08 -10.48
N LEU A 54 2.48 -20.59 -9.37
CA LEU A 54 2.42 -21.32 -8.12
C LEU A 54 1.13 -21.07 -7.36
N GLY A 55 0.75 -22.01 -6.50
CA GLY A 55 -0.43 -21.85 -5.68
C GLY A 55 -1.70 -22.58 -6.02
N ASP A 56 -2.53 -22.76 -5.00
CA ASP A 56 -3.80 -23.43 -5.16
C ASP A 56 -4.88 -22.52 -5.71
N ALA A 57 -4.79 -21.22 -5.41
CA ALA A 57 -5.80 -20.29 -5.90
C ALA A 57 -5.83 -20.35 -7.43
N PHE A 58 -4.65 -20.41 -8.03
CA PHE A 58 -4.60 -20.46 -9.47
C PHE A 58 -5.21 -21.75 -10.00
N LYS A 59 -5.06 -22.86 -9.28
CA LYS A 59 -5.64 -24.07 -9.81
C LYS A 59 -7.14 -24.17 -9.58
N GLU A 60 -7.74 -23.06 -9.18
CA GLU A 60 -9.17 -23.02 -9.04
C GLU A 60 -9.68 -22.33 -10.31
N CYS A 61 -8.77 -21.76 -11.10
CA CYS A 61 -9.17 -21.03 -12.29
C CYS A 61 -9.11 -21.74 -13.63
N PHE A 62 -8.32 -22.80 -13.75
CA PHE A 62 -8.24 -23.46 -15.04
C PHE A 62 -8.64 -24.91 -14.93
N VAL A 63 -9.00 -25.51 -16.06
CA VAL A 63 -9.33 -26.93 -16.10
C VAL A 63 -8.30 -27.52 -17.04
N SER A 64 -8.14 -28.83 -17.00
CA SER A 64 -7.19 -29.53 -17.85
C SER A 64 -7.91 -30.53 -18.73
N ARG A 65 -7.55 -30.54 -19.99
CA ARG A 65 -8.14 -31.49 -20.89
C ARG A 65 -6.97 -32.19 -21.53
N PRO A 66 -6.90 -33.51 -21.37
CA PRO A 66 -5.84 -34.34 -21.92
C PRO A 66 -5.66 -34.09 -23.39
N HIS A 67 -4.44 -34.24 -23.87
CA HIS A 67 -4.20 -34.06 -25.29
C HIS A 67 -3.90 -35.44 -25.89
N PRO A 68 -4.67 -35.85 -26.91
CA PRO A 68 -4.51 -37.15 -27.58
C PRO A 68 -3.16 -37.31 -28.28
N LYS A 69 -2.67 -36.24 -28.88
CA LYS A 69 -1.38 -36.28 -29.56
C LYS A 69 -0.53 -35.10 -29.08
N PRO A 70 0.03 -35.20 -27.87
CA PRO A 70 0.87 -34.15 -27.31
C PRO A 70 2.04 -33.78 -28.20
N LYS A 71 3.10 -33.27 -27.58
CA LYS A 71 4.31 -32.86 -28.28
C LYS A 71 5.45 -33.25 -27.36
N GLN A 72 6.68 -33.23 -27.86
CA GLN A 72 7.80 -33.64 -27.04
C GLN A 72 8.79 -32.53 -26.71
N PHE A 73 8.32 -31.55 -25.94
CA PHE A 73 9.13 -30.42 -25.52
C PHE A 73 10.49 -30.91 -25.00
N SER A 74 11.47 -30.03 -25.06
CA SER A 74 12.82 -30.35 -24.65
C SER A 74 13.05 -30.65 -23.16
N SER A 75 12.44 -29.86 -22.28
CA SER A 75 12.65 -30.06 -20.84
C SER A 75 11.48 -30.62 -20.06
N PHE A 76 10.36 -30.88 -20.71
CA PHE A 76 9.22 -31.46 -20.00
C PHE A 76 8.26 -32.23 -20.90
N GLU A 77 7.35 -32.94 -20.27
CA GLU A 77 6.40 -33.75 -20.98
C GLU A 77 5.03 -33.07 -20.98
N LYS A 78 4.50 -32.82 -22.17
CA LYS A 78 3.20 -32.17 -22.29
C LYS A 78 2.08 -33.20 -22.11
N ARG A 79 1.25 -32.99 -21.09
CA ARG A 79 0.14 -33.89 -20.82
C ARG A 79 -1.19 -33.31 -21.26
N ALA A 80 -1.32 -31.98 -21.27
CA ALA A 80 -2.59 -31.40 -21.68
C ALA A 80 -2.63 -29.91 -21.88
N LYS A 81 -3.74 -29.44 -22.43
CA LYS A 81 -3.98 -28.02 -22.64
C LYS A 81 -4.83 -27.60 -21.44
N ILE A 82 -4.73 -26.34 -21.03
CA ILE A 82 -5.51 -25.88 -19.90
C ILE A 82 -6.37 -24.73 -20.33
N PHE A 83 -7.55 -24.63 -19.72
CA PHE A 83 -8.47 -23.56 -20.09
C PHE A 83 -9.11 -22.87 -18.90
N CYS A 84 -9.54 -21.64 -19.14
CA CYS A 84 -10.23 -20.85 -18.12
C CYS A 84 -11.41 -21.69 -17.63
N ALA A 85 -11.42 -21.99 -16.34
CA ALA A 85 -12.49 -22.79 -15.75
C ALA A 85 -13.86 -22.13 -15.93
N ARG A 86 -13.88 -20.83 -16.17
CA ARG A 86 -15.13 -20.10 -16.31
C ARG A 86 -16.14 -20.67 -17.27
N GLN A 87 -17.40 -20.37 -16.97
CA GLN A 87 -18.52 -20.82 -17.77
C GLN A 87 -18.68 -19.97 -19.02
N ASN A 88 -18.85 -20.66 -20.15
CA ASN A 88 -19.02 -19.98 -21.43
C ASN A 88 -17.74 -19.35 -21.96
N CYS A 89 -16.60 -19.64 -21.33
CA CYS A 89 -15.33 -19.06 -21.77
C CYS A 89 -14.44 -20.13 -22.37
N SER A 90 -13.77 -20.91 -21.52
CA SER A 90 -12.90 -21.97 -21.97
C SER A 90 -11.83 -21.48 -22.94
N HIS A 91 -11.19 -20.38 -22.58
CA HIS A 91 -10.15 -19.80 -23.40
C HIS A 91 -8.86 -20.57 -23.16
N ASP A 92 -8.08 -20.78 -24.23
CA ASP A 92 -6.80 -21.49 -24.14
C ASP A 92 -5.81 -20.63 -23.35
N TRP A 93 -5.23 -21.19 -22.29
CA TRP A 93 -4.27 -20.46 -21.45
C TRP A 93 -2.88 -21.02 -21.57
N GLY A 94 -2.79 -22.27 -21.99
CA GLY A 94 -1.49 -22.88 -22.10
C GLY A 94 -1.56 -24.37 -21.99
N ILE A 95 -0.61 -24.97 -21.32
CA ILE A 95 -0.58 -26.43 -21.21
C ILE A 95 -0.28 -26.85 -19.77
N HIS A 96 -0.34 -28.15 -19.51
CA HIS A 96 -0.03 -28.70 -18.20
C HIS A 96 1.07 -29.74 -18.44
N VAL A 97 2.20 -29.60 -17.77
CA VAL A 97 3.31 -30.52 -18.00
C VAL A 97 3.93 -31.15 -16.76
N LYS A 98 4.82 -32.10 -17.02
CA LYS A 98 5.58 -32.76 -15.96
C LYS A 98 6.96 -32.20 -16.10
N TYR A 99 7.37 -31.41 -15.12
CA TYR A 99 8.68 -30.82 -15.16
C TYR A 99 9.43 -31.51 -14.04
N LYS A 100 10.48 -32.23 -14.39
CA LYS A 100 11.23 -32.92 -13.37
C LYS A 100 10.20 -33.81 -12.65
N THR A 101 9.88 -33.50 -11.40
CA THR A 101 8.90 -34.33 -10.68
C THR A 101 7.60 -33.62 -10.39
N PHE A 102 7.30 -32.56 -11.14
CA PHE A 102 6.08 -31.79 -10.88
C PHE A 102 5.10 -31.74 -12.05
N GLU A 103 3.83 -31.69 -11.69
CA GLU A 103 2.76 -31.59 -12.66
C GLU A 103 2.36 -30.14 -12.49
N ILE A 104 2.75 -29.30 -13.45
CA ILE A 104 2.47 -27.89 -13.33
C ILE A 104 1.91 -27.24 -14.59
N PRO A 105 1.30 -26.05 -14.43
CA PRO A 105 0.74 -25.33 -15.57
C PRO A 105 1.82 -24.42 -16.17
N VAL A 106 1.74 -24.18 -17.47
CA VAL A 106 2.66 -23.32 -18.19
C VAL A 106 1.76 -22.49 -19.10
N ILE A 107 1.74 -21.19 -18.86
CA ILE A 107 0.84 -20.30 -19.56
C ILE A 107 1.40 -19.39 -20.63
N LYS A 108 0.52 -18.98 -21.54
CA LYS A 108 0.85 -18.10 -22.63
C LYS A 108 0.32 -16.71 -22.31
N ILE A 109 1.22 -15.73 -22.26
CA ILE A 109 0.83 -14.36 -21.94
C ILE A 109 -0.22 -13.80 -22.89
N GLU A 110 -0.24 -14.29 -24.13
CA GLU A 110 -1.21 -13.80 -25.10
C GLU A 110 -2.64 -14.17 -24.74
N SER A 111 -2.79 -15.00 -23.71
CA SER A 111 -4.12 -15.42 -23.29
C SER A 111 -4.62 -14.54 -22.19
N PHE A 112 -3.84 -13.52 -21.84
CA PHE A 112 -4.23 -12.69 -20.74
C PHE A 112 -4.11 -11.21 -21.01
N VAL A 113 -4.70 -10.44 -20.13
CA VAL A 113 -4.65 -8.99 -20.19
C VAL A 113 -3.94 -8.71 -18.89
N VAL A 114 -2.91 -7.88 -18.95
CA VAL A 114 -2.18 -7.53 -17.75
C VAL A 114 -2.76 -6.21 -17.28
N GLU A 115 -3.23 -6.17 -16.04
CA GLU A 115 -3.85 -4.99 -15.48
C GLU A 115 -3.14 -4.40 -14.28
N ASP A 116 -2.87 -3.09 -14.32
CA ASP A 116 -2.22 -2.39 -13.21
C ASP A 116 -3.30 -2.18 -12.15
N ILE A 117 -3.07 -2.70 -10.96
CA ILE A 117 -4.06 -2.61 -9.91
C ILE A 117 -4.47 -1.18 -9.52
N ALA A 118 -3.48 -0.29 -9.42
CA ALA A 118 -3.74 1.08 -9.02
C ALA A 118 -4.18 2.05 -10.10
N THR A 119 -4.38 1.57 -11.32
CA THR A 119 -4.79 2.46 -12.40
C THR A 119 -5.81 1.81 -13.29
N GLY A 120 -5.80 0.48 -13.32
CA GLY A 120 -6.75 -0.22 -14.15
C GLY A 120 -6.25 -0.30 -15.58
N VAL A 121 -5.08 0.28 -15.83
CA VAL A 121 -4.53 0.25 -17.19
C VAL A 121 -4.34 -1.21 -17.61
N GLN A 122 -4.86 -1.55 -18.79
CA GLN A 122 -4.74 -2.92 -19.27
C GLN A 122 -3.76 -3.05 -20.42
N THR A 123 -2.99 -4.13 -20.41
CA THR A 123 -2.01 -4.33 -21.46
C THR A 123 -2.07 -5.71 -22.10
N LEU A 124 -1.98 -5.73 -23.42
CA LEU A 124 -1.99 -6.96 -24.18
C LEU A 124 -0.60 -7.27 -24.75
N TYR A 125 -0.05 -8.41 -24.33
CA TYR A 125 1.27 -8.85 -24.79
C TYR A 125 1.09 -10.10 -25.65
N SER A 126 2.04 -10.32 -26.55
CA SER A 126 2.05 -11.50 -27.39
C SER A 126 3.22 -12.40 -26.96
N LYS A 127 4.21 -11.76 -26.33
CA LYS A 127 5.39 -12.47 -25.92
C LYS A 127 5.90 -12.08 -24.54
N TRP A 128 6.34 -13.08 -23.79
CA TRP A 128 6.86 -12.83 -22.46
C TRP A 128 8.08 -11.94 -22.49
N LYS A 129 8.83 -11.96 -23.59
CA LYS A 129 10.05 -11.16 -23.65
C LYS A 129 9.74 -9.68 -23.46
N ASP A 130 8.62 -9.21 -24.01
CA ASP A 130 8.24 -7.81 -23.90
C ASP A 130 7.53 -7.41 -22.61
N PHE A 131 7.21 -8.39 -21.76
CA PHE A 131 6.54 -8.11 -20.48
C PHE A 131 7.56 -8.02 -19.34
N HIS A 132 7.90 -6.80 -18.93
CA HIS A 132 8.92 -6.63 -17.90
C HIS A 132 8.54 -6.55 -16.42
N PHE A 133 8.34 -7.68 -15.79
CA PHE A 133 8.04 -7.71 -14.38
C PHE A 133 9.18 -8.46 -13.74
N GLU A 134 9.09 -8.74 -12.43
CA GLU A 134 10.14 -9.45 -11.71
C GLU A 134 10.12 -10.93 -12.04
N LYS A 135 10.99 -11.35 -12.95
CA LYS A 135 11.06 -12.75 -13.36
C LYS A 135 11.90 -13.63 -12.45
N ILE A 136 11.20 -14.35 -11.57
CA ILE A 136 11.82 -15.22 -10.58
C ILE A 136 11.96 -16.67 -11.04
N PRO A 137 13.19 -17.21 -11.02
CA PRO A 137 13.38 -18.60 -11.45
C PRO A 137 12.62 -19.57 -10.60
N PHE A 138 12.09 -20.61 -11.24
CA PHE A 138 11.36 -21.67 -10.60
C PHE A 138 12.28 -22.39 -9.62
N ASP A 139 11.79 -22.62 -8.41
CA ASP A 139 12.58 -23.30 -7.39
C ASP A 139 11.82 -24.51 -6.84
N PRO A 140 12.39 -25.72 -7.02
CA PRO A 140 11.77 -26.94 -6.53
C PRO A 140 11.41 -26.83 -5.06
N ALA A 141 12.21 -26.05 -4.33
CA ALA A 141 11.98 -25.83 -2.91
C ALA A 141 10.54 -25.35 -2.70
N GLU A 142 10.18 -24.26 -3.36
CA GLU A 142 8.83 -23.72 -3.23
C GLU A 142 7.78 -24.75 -3.60
N MET A 143 8.20 -25.80 -4.30
CA MET A 143 7.34 -26.90 -4.80
C MET A 143 6.87 -26.52 -6.22
N LYS B 23 29.39 -8.91 -15.39
CA LYS B 23 30.66 -9.69 -15.46
C LYS B 23 31.52 -9.24 -16.64
N GLU B 24 32.56 -10.02 -16.94
CA GLU B 24 33.44 -9.71 -18.05
C GLU B 24 33.22 -10.66 -19.22
N ASN B 25 33.65 -10.22 -20.39
CA ASN B 25 33.52 -10.96 -21.63
C ASN B 25 34.19 -12.32 -21.50
N LYS B 26 33.59 -13.34 -22.10
CA LYS B 26 34.12 -14.71 -22.07
C LYS B 26 34.13 -15.28 -23.49
N LYS B 27 34.97 -16.28 -23.73
CA LYS B 27 35.06 -16.91 -25.04
C LYS B 27 34.33 -18.25 -24.99
N LEU B 28 33.93 -18.74 -26.16
CA LEU B 28 33.27 -20.03 -26.25
C LEU B 28 34.10 -20.84 -27.24
N LEU B 29 34.55 -22.01 -26.80
CA LEU B 29 35.32 -22.84 -27.69
C LEU B 29 34.52 -24.07 -27.98
N CYS B 30 34.76 -24.66 -29.15
CA CYS B 30 34.08 -25.90 -29.53
C CYS B 30 34.43 -26.87 -28.41
N ARG B 31 33.47 -27.67 -27.98
CA ARG B 31 33.75 -28.59 -26.91
C ARG B 31 34.65 -29.71 -27.41
N LYS B 32 34.49 -30.09 -28.68
CA LYS B 32 35.29 -31.18 -29.24
C LYS B 32 36.72 -30.84 -29.60
N CYS B 33 36.92 -29.76 -30.35
CA CYS B 33 38.25 -29.38 -30.77
C CYS B 33 38.80 -28.11 -30.12
N LYS B 34 38.00 -27.48 -29.29
CA LYS B 34 38.40 -26.25 -28.60
C LYS B 34 38.62 -25.02 -29.49
N ALA B 35 38.21 -25.09 -30.75
CA ALA B 35 38.33 -23.93 -31.64
C ALA B 35 37.57 -22.76 -31.04
N LEU B 36 37.99 -21.53 -31.35
CA LEU B 36 37.31 -20.35 -30.81
C LEU B 36 36.05 -20.12 -31.62
N ALA B 37 34.90 -20.14 -30.95
CA ALA B 37 33.65 -19.96 -31.63
C ALA B 37 33.22 -18.49 -31.62
N CYS B 38 33.17 -17.88 -30.44
CA CYS B 38 32.77 -16.48 -30.34
C CYS B 38 33.04 -15.96 -28.93
N TYR B 39 32.66 -14.71 -28.69
CA TYR B 39 32.80 -14.07 -27.40
C TYR B 39 31.39 -13.83 -26.92
N THR B 40 31.17 -13.86 -25.61
CA THR B 40 29.83 -13.68 -25.11
C THR B 40 29.26 -12.29 -25.41
N ALA B 41 30.14 -11.34 -25.66
CA ALA B 41 29.72 -9.99 -26.02
C ALA B 41 28.93 -9.98 -27.34
N ASP B 42 29.15 -10.99 -28.17
CA ASP B 42 28.47 -11.09 -29.47
C ASP B 42 27.19 -11.92 -29.39
N VAL B 43 26.96 -12.56 -28.23
CA VAL B 43 25.79 -13.38 -28.06
C VAL B 43 24.55 -12.50 -27.85
N ARG B 44 23.40 -12.99 -28.32
CA ARG B 44 22.13 -12.27 -28.20
C ARG B 44 21.01 -13.29 -27.96
N VAL B 45 20.02 -12.89 -27.16
CA VAL B 45 18.92 -13.79 -26.85
C VAL B 45 17.65 -13.54 -27.68
N ILE B 46 17.25 -14.57 -28.41
CA ILE B 46 16.07 -14.48 -29.22
C ILE B 46 14.95 -15.01 -28.38
N GLU B 47 13.89 -14.23 -28.24
CA GLU B 47 12.79 -14.58 -27.36
C GLU B 47 13.56 -14.64 -26.04
N GLU B 48 13.45 -15.67 -25.23
CA GLU B 48 14.28 -15.56 -24.03
C GLU B 48 15.15 -16.78 -23.77
N CYS B 49 15.14 -17.73 -24.68
CA CYS B 49 15.89 -18.95 -24.50
C CYS B 49 16.63 -19.44 -25.72
N HIS B 50 16.61 -18.69 -26.80
CA HIS B 50 17.31 -19.12 -28.01
C HIS B 50 18.46 -18.17 -28.19
N TYR B 51 19.68 -18.72 -28.19
CA TYR B 51 20.84 -17.88 -28.30
C TYR B 51 21.48 -17.83 -29.66
N THR B 52 21.75 -16.61 -30.13
CA THR B 52 22.40 -16.45 -31.42
C THR B 52 23.70 -15.64 -31.29
N VAL B 53 24.43 -15.52 -32.39
CA VAL B 53 25.67 -14.75 -32.38
C VAL B 53 25.70 -13.71 -33.49
N LEU B 54 25.95 -12.44 -33.13
CA LEU B 54 26.04 -11.37 -34.13
C LEU B 54 27.43 -11.36 -34.78
N GLY B 55 27.49 -10.90 -36.03
CA GLY B 55 28.77 -10.80 -36.72
C GLY B 55 29.07 -11.76 -37.86
N ASP B 56 29.66 -11.24 -38.92
CA ASP B 56 30.02 -12.08 -40.06
C ASP B 56 31.20 -12.97 -39.68
N ALA B 57 31.94 -12.56 -38.66
CA ALA B 57 33.08 -13.35 -38.24
C ALA B 57 32.58 -14.73 -37.84
N PHE B 58 31.57 -14.77 -36.99
CA PHE B 58 31.06 -16.06 -36.55
C PHE B 58 30.68 -16.99 -37.68
N LYS B 59 30.29 -16.44 -38.83
CA LYS B 59 29.89 -17.27 -39.95
C LYS B 59 31.05 -18.11 -40.45
N GLU B 60 32.26 -17.70 -40.09
CA GLU B 60 33.47 -18.39 -40.50
C GLU B 60 33.76 -19.62 -39.65
N CYS B 61 33.11 -19.69 -38.50
CA CYS B 61 33.34 -20.81 -37.58
C CYS B 61 32.53 -22.07 -37.78
N PHE B 62 31.42 -21.99 -38.50
CA PHE B 62 30.58 -23.16 -38.67
C PHE B 62 30.22 -23.47 -40.10
N VAL B 63 29.86 -24.72 -40.37
CA VAL B 63 29.40 -25.11 -41.70
C VAL B 63 27.93 -25.45 -41.48
N SER B 64 27.17 -25.42 -42.55
CA SER B 64 25.74 -25.69 -42.46
C SER B 64 25.31 -26.86 -43.35
N ARG B 65 24.37 -27.66 -42.83
CA ARG B 65 23.81 -28.78 -43.57
C ARG B 65 22.32 -28.62 -43.46
N PRO B 66 21.67 -28.11 -44.51
CA PRO B 66 20.23 -27.89 -44.55
C PRO B 66 19.44 -29.15 -44.80
N HIS B 67 18.38 -29.37 -44.03
CA HIS B 67 17.53 -30.54 -44.20
C HIS B 67 16.69 -31.02 -43.01
N PRO B 68 17.30 -31.17 -41.83
CA PRO B 68 16.61 -31.64 -40.62
C PRO B 68 15.17 -31.18 -40.44
N LYS B 69 14.22 -32.05 -40.79
CA LYS B 69 12.81 -31.71 -40.65
C LYS B 69 12.69 -30.25 -41.12
N PRO B 70 11.78 -29.44 -40.55
CA PRO B 70 10.76 -29.61 -39.51
C PRO B 70 9.47 -28.98 -40.00
N LYS B 71 9.26 -27.74 -39.58
CA LYS B 71 8.12 -26.92 -39.96
C LYS B 71 8.40 -25.52 -39.42
N GLN B 72 8.04 -25.28 -38.16
CA GLN B 72 8.26 -23.99 -37.54
C GLN B 72 8.27 -24.09 -36.02
N PHE B 73 9.28 -23.50 -35.39
CA PHE B 73 9.36 -23.47 -33.94
C PHE B 73 8.31 -22.45 -33.50
N SER B 74 8.38 -22.02 -32.25
CA SER B 74 7.41 -21.06 -31.74
C SER B 74 7.54 -19.67 -32.35
N SER B 75 8.78 -19.20 -32.53
CA SER B 75 9.00 -17.86 -33.07
C SER B 75 9.83 -17.79 -34.37
N PHE B 76 10.34 -18.94 -34.83
CA PHE B 76 11.14 -18.96 -36.05
C PHE B 76 11.07 -20.27 -36.84
N GLU B 77 11.66 -20.25 -38.04
CA GLU B 77 11.68 -21.42 -38.93
C GLU B 77 13.08 -22.06 -39.02
N LYS B 78 13.16 -23.35 -38.70
CA LYS B 78 14.43 -24.07 -38.74
C LYS B 78 14.76 -24.52 -40.17
N ARG B 79 15.98 -24.26 -40.62
CA ARG B 79 16.35 -24.64 -41.97
C ARG B 79 17.57 -25.52 -42.09
N ALA B 80 18.36 -25.63 -41.03
CA ALA B 80 19.56 -26.42 -41.09
C ALA B 80 20.19 -26.59 -39.74
N LYS B 81 21.09 -27.56 -39.65
CA LYS B 81 21.83 -27.79 -38.42
C LYS B 81 23.20 -27.21 -38.74
N ILE B 82 23.88 -26.68 -37.73
CA ILE B 82 25.21 -26.11 -37.95
C ILE B 82 26.29 -26.85 -37.17
N PHE B 83 27.46 -27.04 -37.80
CA PHE B 83 28.58 -27.73 -37.14
C PHE B 83 29.88 -26.96 -37.25
N CYS B 84 30.80 -27.26 -36.35
CA CYS B 84 32.11 -26.63 -36.33
C CYS B 84 32.74 -26.74 -37.73
N ALA B 85 33.42 -25.70 -38.18
CA ALA B 85 34.03 -25.72 -39.51
C ALA B 85 35.43 -26.35 -39.54
N ARG B 86 36.05 -26.55 -38.38
CA ARG B 86 37.37 -27.16 -38.38
C ARG B 86 37.33 -28.55 -39.00
N GLN B 87 38.30 -28.85 -39.85
CA GLN B 87 38.35 -30.14 -40.51
C GLN B 87 38.56 -31.24 -39.46
N ASN B 88 37.81 -32.33 -39.60
CA ASN B 88 37.88 -33.48 -38.70
C ASN B 88 37.14 -33.27 -37.38
N CYS B 89 36.31 -32.23 -37.33
CA CYS B 89 35.53 -31.97 -36.13
C CYS B 89 34.06 -32.05 -36.44
N SER B 90 33.54 -31.04 -37.14
CA SER B 90 32.15 -30.99 -37.54
C SER B 90 31.21 -31.42 -36.39
N HIS B 91 31.50 -30.91 -35.21
CA HIS B 91 30.75 -31.18 -34.00
C HIS B 91 29.46 -30.35 -34.02
N ASP B 92 28.33 -31.01 -33.82
CA ASP B 92 27.04 -30.31 -33.81
C ASP B 92 27.07 -29.12 -32.85
N TRP B 93 26.70 -27.93 -33.34
CA TRP B 93 26.69 -26.73 -32.52
C TRP B 93 25.28 -26.20 -32.24
N GLY B 94 24.37 -26.55 -33.12
CA GLY B 94 23.01 -26.08 -32.99
C GLY B 94 22.33 -26.08 -34.34
N ILE B 95 21.53 -25.06 -34.62
CA ILE B 95 20.76 -25.02 -35.85
C ILE B 95 20.83 -23.68 -36.53
N HIS B 96 20.22 -23.59 -37.70
CA HIS B 96 20.19 -22.35 -38.46
C HIS B 96 18.73 -22.07 -38.79
N VAL B 97 18.27 -20.88 -38.42
CA VAL B 97 16.87 -20.54 -38.62
C VAL B 97 16.59 -19.21 -39.30
N LYS B 98 15.33 -19.01 -39.65
CA LYS B 98 14.92 -17.77 -40.29
C LYS B 98 14.06 -17.13 -39.19
N TYR B 99 14.40 -15.90 -38.80
CA TYR B 99 13.67 -15.20 -37.76
C TYR B 99 13.61 -13.70 -38.09
N LYS B 100 12.38 -13.17 -38.18
CA LYS B 100 12.16 -11.76 -38.51
C LYS B 100 13.01 -11.34 -39.69
N THR B 101 12.98 -12.18 -40.73
CA THR B 101 13.70 -12.01 -41.99
C THR B 101 15.19 -12.25 -41.90
N PHE B 102 15.68 -12.52 -40.70
CA PHE B 102 17.11 -12.77 -40.54
C PHE B 102 17.44 -14.26 -40.53
N GLU B 103 18.38 -14.67 -41.37
CA GLU B 103 18.78 -16.07 -41.41
C GLU B 103 19.89 -16.10 -40.37
N ILE B 104 19.73 -16.88 -39.31
CA ILE B 104 20.74 -16.86 -38.24
C ILE B 104 20.96 -18.17 -37.47
N PRO B 105 22.10 -18.27 -36.78
CA PRO B 105 22.44 -19.46 -35.99
C PRO B 105 21.90 -19.42 -34.56
N VAL B 106 21.52 -20.58 -34.06
CA VAL B 106 21.03 -20.71 -32.70
C VAL B 106 21.90 -21.83 -32.14
N ILE B 107 22.69 -21.50 -31.12
CA ILE B 107 23.63 -22.46 -30.54
C ILE B 107 23.26 -23.12 -29.20
N LYS B 108 23.69 -24.37 -29.05
CA LYS B 108 23.45 -25.14 -27.83
C LYS B 108 24.66 -24.97 -26.92
N ILE B 109 24.45 -24.44 -25.73
CA ILE B 109 25.57 -24.23 -24.83
C ILE B 109 26.35 -25.52 -24.57
N GLU B 110 25.69 -26.66 -24.70
CA GLU B 110 26.33 -27.96 -24.46
C GLU B 110 27.38 -28.33 -25.51
N SER B 111 27.42 -27.59 -26.61
CA SER B 111 28.39 -27.87 -27.66
C SER B 111 29.67 -27.03 -27.55
N PHE B 112 29.83 -26.31 -26.47
CA PHE B 112 30.99 -25.46 -26.35
C PHE B 112 31.49 -25.54 -24.94
N VAL B 113 32.54 -24.77 -24.68
CA VAL B 113 33.15 -24.70 -23.37
C VAL B 113 33.33 -23.22 -23.17
N VAL B 114 33.06 -22.73 -21.97
CA VAL B 114 33.20 -21.31 -21.67
C VAL B 114 34.56 -21.09 -21.00
N GLU B 115 35.44 -20.33 -21.65
CA GLU B 115 36.77 -20.08 -21.12
C GLU B 115 36.97 -18.68 -20.62
N ASP B 116 37.37 -18.55 -19.37
CA ASP B 116 37.64 -17.25 -18.79
C ASP B 116 38.98 -16.85 -19.40
N ILE B 117 38.99 -15.68 -20.02
CA ILE B 117 40.18 -15.17 -20.69
C ILE B 117 41.41 -15.00 -19.80
N ALA B 118 41.21 -14.48 -18.59
CA ALA B 118 42.30 -14.26 -17.67
C ALA B 118 42.98 -15.53 -17.13
N THR B 119 42.20 -16.52 -16.73
CA THR B 119 42.74 -17.74 -16.14
C THR B 119 42.84 -18.93 -17.05
N GLY B 120 41.96 -19.00 -18.05
CA GLY B 120 42.01 -20.13 -18.95
C GLY B 120 41.14 -21.26 -18.43
N VAL B 121 40.51 -21.04 -17.29
CA VAL B 121 39.62 -22.04 -16.69
C VAL B 121 38.45 -22.26 -17.64
N GLN B 122 38.05 -23.51 -17.82
CA GLN B 122 36.95 -23.81 -18.71
C GLN B 122 35.74 -24.41 -17.98
N THR B 123 34.53 -23.97 -18.34
CA THR B 123 33.34 -24.51 -17.71
C THR B 123 32.45 -25.17 -18.75
N LEU B 124 31.93 -26.35 -18.41
CA LEU B 124 31.03 -27.09 -19.27
C LEU B 124 29.62 -26.96 -18.69
N TYR B 125 28.72 -26.31 -19.43
CA TYR B 125 27.33 -26.11 -19.01
C TYR B 125 26.43 -26.97 -19.91
N SER B 126 25.23 -27.28 -19.44
CA SER B 126 24.33 -28.07 -20.26
C SER B 126 23.04 -27.30 -20.60
N LYS B 127 22.77 -26.25 -19.85
CA LYS B 127 21.58 -25.46 -20.06
C LYS B 127 21.92 -23.99 -19.90
N TRP B 128 21.47 -23.18 -20.85
CA TRP B 128 21.75 -21.76 -20.81
C TRP B 128 21.41 -21.10 -19.47
N LYS B 129 20.30 -21.51 -18.88
CA LYS B 129 19.89 -20.93 -17.61
C LYS B 129 20.97 -20.97 -16.52
N ASP B 130 21.93 -21.89 -16.65
CA ASP B 130 22.99 -22.02 -15.65
C ASP B 130 24.21 -21.14 -15.90
N PHE B 131 24.35 -20.69 -17.14
CA PHE B 131 25.49 -19.84 -17.50
C PHE B 131 25.11 -18.38 -17.37
N HIS B 132 25.65 -17.73 -16.35
CA HIS B 132 25.33 -16.33 -16.14
C HIS B 132 26.31 -15.34 -16.74
N PHE B 133 25.82 -14.55 -17.68
CA PHE B 133 26.62 -13.52 -18.33
C PHE B 133 25.60 -12.49 -18.77
N GLU B 134 26.05 -11.29 -19.12
CA GLU B 134 25.10 -10.26 -19.52
C GLU B 134 24.35 -10.74 -20.74
N LYS B 135 23.06 -11.01 -20.57
CA LYS B 135 22.24 -11.51 -21.65
C LYS B 135 21.46 -10.45 -22.41
N ILE B 136 22.06 -9.97 -23.49
CA ILE B 136 21.46 -8.93 -24.30
C ILE B 136 20.35 -9.47 -25.18
N PRO B 137 19.17 -8.83 -25.15
CA PRO B 137 18.08 -9.32 -26.00
C PRO B 137 18.44 -9.01 -27.44
N PHE B 138 17.99 -9.84 -28.38
CA PHE B 138 18.26 -9.60 -29.80
C PHE B 138 17.52 -8.36 -30.29
N ASP B 139 18.17 -7.61 -31.16
CA ASP B 139 17.57 -6.39 -31.70
C ASP B 139 17.61 -6.38 -33.23
N PRO B 140 16.44 -6.45 -33.87
CA PRO B 140 16.37 -6.44 -35.34
C PRO B 140 17.02 -5.17 -35.89
N ALA B 141 16.95 -4.11 -35.09
CA ALA B 141 17.51 -2.83 -35.49
C ALA B 141 19.03 -2.74 -35.32
N GLU B 142 19.60 -3.58 -34.47
CA GLU B 142 21.04 -3.54 -34.23
C GLU B 142 21.92 -3.90 -35.45
N MET B 143 22.75 -2.93 -35.85
CA MET B 143 23.68 -3.00 -37.00
C MET B 143 23.08 -2.57 -38.35
N LYS C 23 9.99 23.43 -8.12
CA LYS C 23 11.23 23.93 -7.47
C LYS C 23 11.05 24.24 -5.98
N GLU C 24 11.05 25.52 -5.62
CA GLU C 24 10.91 25.95 -4.24
C GLU C 24 9.46 26.18 -3.78
N ASN C 25 9.17 25.91 -2.51
CA ASN C 25 7.83 26.08 -1.95
C ASN C 25 7.33 27.52 -1.95
N LYS C 26 6.04 27.71 -2.23
CA LYS C 26 5.49 29.05 -2.29
C LYS C 26 4.13 29.22 -1.61
N LYS C 27 3.72 30.48 -1.44
CA LYS C 27 2.45 30.78 -0.81
C LYS C 27 1.42 31.25 -1.81
N LEU C 28 0.15 31.00 -1.47
CA LEU C 28 -0.94 31.47 -2.30
C LEU C 28 -1.76 32.37 -1.37
N LEU C 29 -2.03 33.59 -1.82
CA LEU C 29 -2.82 34.54 -1.03
C LEU C 29 -4.02 34.96 -1.82
N CYS C 30 -5.13 35.21 -1.13
CA CYS C 30 -6.35 35.64 -1.78
C CYS C 30 -6.00 36.87 -2.59
N ARG C 31 -6.24 36.82 -3.88
CA ARG C 31 -5.92 37.94 -4.76
C ARG C 31 -6.66 39.20 -4.33
N LYS C 32 -7.74 39.02 -3.57
CA LYS C 32 -8.53 40.15 -3.11
C LYS C 32 -8.03 40.66 -1.76
N CYS C 33 -8.51 40.04 -0.68
CA CYS C 33 -8.14 40.42 0.66
C CYS C 33 -6.65 40.27 0.92
N LYS C 34 -6.01 39.38 0.17
CA LYS C 34 -4.59 39.11 0.30
C LYS C 34 -4.25 38.18 1.47
N ALA C 35 -5.27 37.53 2.01
CA ALA C 35 -5.07 36.59 3.13
C ALA C 35 -4.36 35.32 2.69
N LEU C 36 -3.50 34.80 3.54
CA LEU C 36 -2.78 33.55 3.25
C LEU C 36 -3.77 32.39 3.23
N ALA C 37 -3.77 31.64 2.13
CA ALA C 37 -4.67 30.49 1.97
C ALA C 37 -3.94 29.16 2.09
N CYS C 38 -2.82 28.99 1.39
CA CYS C 38 -2.09 27.72 1.47
C CYS C 38 -0.68 27.81 0.89
N TYR C 39 0.03 26.70 0.93
CA TYR C 39 1.37 26.61 0.38
C TYR C 39 1.33 25.62 -0.82
N THR C 40 2.12 25.86 -1.86
CA THR C 40 2.10 24.97 -3.01
C THR C 40 2.49 23.56 -2.61
N ALA C 41 3.02 23.41 -1.40
CA ALA C 41 3.43 22.09 -0.94
C ALA C 41 2.20 21.25 -0.63
N ASP C 42 1.08 21.91 -0.40
CA ASP C 42 -0.15 21.21 -0.08
C ASP C 42 -1.01 20.98 -1.32
N VAL C 43 -0.59 21.55 -2.44
CA VAL C 43 -1.37 21.41 -3.66
C VAL C 43 -1.18 20.07 -4.35
N ARG C 44 -2.26 19.61 -4.98
CA ARG C 44 -2.26 18.33 -5.69
C ARG C 44 -3.01 18.49 -7.02
N VAL C 45 -2.55 17.75 -8.02
CA VAL C 45 -3.14 17.81 -9.34
C VAL C 45 -4.08 16.65 -9.67
N ILE C 46 -5.34 16.99 -9.95
CA ILE C 46 -6.35 15.99 -10.31
C ILE C 46 -6.51 15.94 -11.83
N GLU C 47 -6.34 14.74 -12.38
CA GLU C 47 -6.45 14.53 -13.82
C GLU C 47 -5.57 15.48 -14.62
N GLU C 48 -4.41 15.84 -14.09
CA GLU C 48 -3.46 16.71 -14.79
C GLU C 48 -3.74 18.21 -14.86
N CYS C 49 -5.01 18.61 -14.89
CA CYS C 49 -5.32 20.03 -15.00
C CYS C 49 -6.19 20.65 -13.90
N HIS C 50 -6.51 19.88 -12.87
CA HIS C 50 -7.30 20.43 -11.77
C HIS C 50 -6.44 20.46 -10.51
N TYR C 51 -6.63 21.50 -9.70
CA TYR C 51 -5.82 21.66 -8.51
C TYR C 51 -6.61 21.73 -7.24
N THR C 52 -6.26 20.83 -6.32
CA THR C 52 -6.90 20.76 -5.02
C THR C 52 -5.82 21.07 -4.00
N VAL C 53 -6.25 21.28 -2.76
CA VAL C 53 -5.33 21.59 -1.67
C VAL C 53 -5.60 20.60 -0.57
N LEU C 54 -4.55 20.11 0.09
CA LEU C 54 -4.72 19.16 1.18
C LEU C 54 -4.65 19.82 2.56
N GLY C 55 -5.20 19.14 3.57
CA GLY C 55 -5.14 19.65 4.93
C GLY C 55 -6.28 20.52 5.42
N ASP C 56 -6.49 20.53 6.74
CA ASP C 56 -7.56 21.33 7.32
C ASP C 56 -7.15 22.79 7.43
N ALA C 57 -5.86 23.03 7.39
CA ALA C 57 -5.36 24.39 7.45
C ALA C 57 -6.10 25.14 6.36
N PHE C 58 -6.02 24.64 5.14
CA PHE C 58 -6.66 25.28 4.01
C PHE C 58 -8.18 25.31 4.12
N LYS C 59 -8.74 24.24 4.69
CA LYS C 59 -10.20 24.17 4.82
C LYS C 59 -10.78 25.29 5.67
N GLU C 60 -9.97 25.90 6.54
CA GLU C 60 -10.51 26.97 7.36
C GLU C 60 -10.44 28.35 6.70
N CYS C 61 -9.79 28.42 5.54
CA CYS C 61 -9.67 29.69 4.84
C CYS C 61 -10.81 29.98 3.88
N PHE C 62 -11.66 29.00 3.60
CA PHE C 62 -12.75 29.22 2.67
C PHE C 62 -14.11 28.76 3.17
N VAL C 63 -15.14 29.24 2.49
CA VAL C 63 -16.52 28.90 2.79
C VAL C 63 -17.13 28.47 1.48
N SER C 64 -18.08 27.55 1.55
CA SER C 64 -18.72 27.05 0.34
C SER C 64 -20.20 27.34 0.33
N ARG C 65 -20.75 27.42 -0.87
CA ARG C 65 -22.17 27.65 -1.03
C ARG C 65 -22.58 26.81 -2.23
N PRO C 66 -23.49 25.84 -2.03
CA PRO C 66 -23.95 24.97 -3.12
C PRO C 66 -24.56 25.77 -4.29
N HIS C 67 -23.70 26.37 -5.11
CA HIS C 67 -24.12 27.19 -6.24
C HIS C 67 -23.84 26.58 -7.62
N PRO C 68 -24.35 25.37 -7.87
CA PRO C 68 -24.10 24.76 -9.19
C PRO C 68 -25.00 25.43 -10.22
N LYS C 69 -25.02 24.88 -11.43
CA LYS C 69 -25.88 25.41 -12.49
C LYS C 69 -27.00 24.39 -12.66
N PRO C 70 -26.67 23.13 -13.02
CA PRO C 70 -25.34 22.58 -13.28
C PRO C 70 -25.31 21.70 -14.54
N LYS C 71 -24.80 22.25 -15.64
CA LYS C 71 -24.75 21.50 -16.90
C LYS C 71 -23.60 20.50 -16.97
N GLN C 72 -23.21 19.96 -15.81
CA GLN C 72 -22.13 18.97 -15.73
C GLN C 72 -20.71 19.53 -15.67
N PHE C 73 -19.78 18.58 -15.48
CA PHE C 73 -18.32 18.76 -15.45
C PHE C 73 -17.85 17.32 -15.76
N SER C 74 -16.87 17.19 -16.65
CA SER C 74 -16.38 15.87 -17.05
C SER C 74 -15.81 14.90 -16.01
N SER C 75 -14.65 15.25 -15.46
CA SER C 75 -13.95 14.42 -14.49
C SER C 75 -14.41 14.46 -13.02
N PHE C 76 -15.53 15.12 -12.76
CA PHE C 76 -16.06 15.17 -11.40
C PHE C 76 -17.40 15.90 -11.33
N GLU C 77 -18.06 15.80 -10.19
CA GLU C 77 -19.36 16.43 -9.99
C GLU C 77 -19.28 17.64 -9.07
N LYS C 78 -19.58 18.82 -9.62
CA LYS C 78 -19.56 20.08 -8.88
C LYS C 78 -20.74 20.15 -7.92
N ARG C 79 -20.50 20.58 -6.69
CA ARG C 79 -21.58 20.68 -5.70
C ARG C 79 -21.74 22.09 -5.16
N ALA C 80 -20.67 22.88 -5.20
CA ALA C 80 -20.72 24.24 -4.67
C ALA C 80 -19.60 25.13 -5.19
N LYS C 81 -19.69 26.41 -4.87
CA LYS C 81 -18.67 27.36 -5.24
C LYS C 81 -17.94 27.68 -3.94
N ILE C 82 -16.67 28.08 -4.02
CA ILE C 82 -15.97 28.41 -2.80
C ILE C 82 -15.40 29.81 -2.83
N PHE C 83 -15.55 30.49 -1.70
CA PHE C 83 -15.09 31.86 -1.54
C PHE C 83 -14.25 32.01 -0.29
N CYS C 84 -13.54 33.13 -0.21
CA CYS C 84 -12.68 33.46 0.93
C CYS C 84 -13.55 33.51 2.17
N ALA C 85 -13.20 32.72 3.17
CA ALA C 85 -13.97 32.67 4.40
C ALA C 85 -14.07 34.01 5.12
N ARG C 86 -13.27 34.98 4.71
CA ARG C 86 -13.30 36.27 5.37
C ARG C 86 -14.53 37.11 4.99
N GLN C 87 -15.36 37.39 5.98
CA GLN C 87 -16.60 38.17 5.84
C GLN C 87 -16.54 39.35 4.90
N ASN C 88 -15.37 39.97 4.80
CA ASN C 88 -15.22 41.16 3.96
C ASN C 88 -14.83 40.85 2.53
N CYS C 89 -14.13 39.74 2.32
CA CYS C 89 -13.68 39.36 1.00
C CYS C 89 -14.72 38.59 0.21
N SER C 90 -14.86 37.30 0.52
CA SER C 90 -15.80 36.42 -0.17
C SER C 90 -15.46 36.35 -1.66
N HIS C 91 -14.16 36.32 -1.96
CA HIS C 91 -13.68 36.26 -3.32
C HIS C 91 -13.88 34.84 -3.87
N ASP C 92 -14.09 34.75 -5.18
CA ASP C 92 -14.30 33.46 -5.83
C ASP C 92 -12.97 32.73 -5.98
N TRP C 93 -12.84 31.60 -5.28
CA TRP C 93 -11.63 30.80 -5.32
C TRP C 93 -11.71 29.61 -6.25
N GLY C 94 -12.91 29.05 -6.36
CA GLY C 94 -13.11 27.90 -7.20
C GLY C 94 -14.36 27.15 -6.80
N ILE C 95 -14.37 25.84 -7.04
CA ILE C 95 -15.55 25.04 -6.71
C ILE C 95 -15.22 23.92 -5.76
N HIS C 96 -16.25 23.29 -5.20
CA HIS C 96 -16.05 22.15 -4.31
C HIS C 96 -16.78 21.00 -4.98
N VAL C 97 -16.06 19.91 -5.23
CA VAL C 97 -16.64 18.79 -5.95
C VAL C 97 -16.47 17.42 -5.35
N LYS C 98 -17.07 16.45 -6.03
CA LYS C 98 -16.96 15.05 -5.64
C LYS C 98 -16.06 14.43 -6.71
N TYR C 99 -14.89 13.95 -6.29
CA TYR C 99 -13.96 13.33 -7.22
C TYR C 99 -13.79 11.92 -6.72
N LYS C 100 -14.21 10.96 -7.55
CA LYS C 100 -14.16 9.56 -7.17
C LYS C 100 -14.92 9.42 -5.88
N THR C 101 -14.22 9.12 -4.80
CA THR C 101 -14.87 8.90 -3.54
C THR C 101 -14.67 10.05 -2.56
N PHE C 102 -14.07 11.14 -3.01
CA PHE C 102 -13.78 12.27 -2.13
C PHE C 102 -14.48 13.59 -2.46
N GLU C 103 -14.64 14.38 -1.42
CA GLU C 103 -15.26 15.71 -1.46
C GLU C 103 -14.07 16.65 -1.29
N ILE C 104 -13.73 17.40 -2.34
CA ILE C 104 -12.58 18.26 -2.29
C ILE C 104 -12.72 19.60 -3.00
N PRO C 105 -11.87 20.58 -2.63
CA PRO C 105 -11.95 21.90 -3.28
C PRO C 105 -10.99 21.98 -4.48
N VAL C 106 -11.42 22.68 -5.52
CA VAL C 106 -10.63 22.85 -6.73
C VAL C 106 -10.56 24.37 -6.85
N ILE C 107 -9.40 24.89 -7.20
CA ILE C 107 -9.20 26.34 -7.25
C ILE C 107 -8.64 26.92 -8.52
N LYS C 108 -9.07 28.14 -8.81
CA LYS C 108 -8.62 28.89 -9.97
C LYS C 108 -7.40 29.66 -9.52
N ILE C 109 -6.28 29.53 -10.20
CA ILE C 109 -5.15 30.29 -9.74
C ILE C 109 -5.39 31.79 -9.88
N GLU C 110 -6.03 32.21 -10.96
CA GLU C 110 -6.29 33.63 -11.18
C GLU C 110 -6.83 34.32 -9.93
N SER C 111 -7.57 33.60 -9.10
CA SER C 111 -8.11 34.23 -7.91
C SER C 111 -7.15 34.21 -6.70
N PHE C 112 -5.87 34.04 -6.97
CA PHE C 112 -4.86 34.01 -5.92
C PHE C 112 -3.66 34.80 -6.38
N VAL C 113 -2.72 34.98 -5.46
CA VAL C 113 -1.48 35.68 -5.72
C VAL C 113 -0.47 34.76 -5.11
N VAL C 114 0.59 34.46 -5.83
CA VAL C 114 1.59 33.58 -5.28
C VAL C 114 2.79 34.41 -4.82
N GLU C 115 3.24 34.13 -3.60
CA GLU C 115 4.35 34.85 -3.01
C GLU C 115 5.52 33.94 -2.69
N ASP C 116 6.73 34.43 -2.94
CA ASP C 116 7.91 33.65 -2.60
C ASP C 116 7.99 33.87 -1.10
N ILE C 117 8.35 32.84 -0.35
CA ILE C 117 8.43 32.96 1.10
C ILE C 117 9.59 33.82 1.59
N ALA C 118 10.72 33.73 0.92
CA ALA C 118 11.88 34.51 1.32
C ALA C 118 11.82 35.99 0.90
N THR C 119 11.81 36.21 -0.41
CA THR C 119 11.80 37.57 -0.97
C THR C 119 10.50 38.36 -0.85
N GLY C 120 9.36 37.68 -0.88
CA GLY C 120 8.10 38.39 -0.78
C GLY C 120 7.57 38.93 -2.10
N VAL C 121 8.17 38.51 -3.20
CA VAL C 121 7.74 38.97 -4.51
C VAL C 121 6.48 38.22 -4.92
N GLN C 122 5.51 38.96 -5.44
CA GLN C 122 4.27 38.37 -5.85
C GLN C 122 4.16 38.24 -7.38
N THR C 123 3.44 37.22 -7.83
CA THR C 123 3.27 37.00 -9.25
C THR C 123 1.80 36.67 -9.49
N LEU C 124 1.26 37.18 -10.59
CA LEU C 124 -0.13 36.91 -10.92
C LEU C 124 -0.22 36.01 -12.14
N TYR C 125 -0.99 34.93 -11.99
CA TYR C 125 -1.19 33.96 -13.05
C TYR C 125 -2.67 33.84 -13.37
N SER C 126 -3.01 33.62 -14.63
CA SER C 126 -4.41 33.46 -14.96
C SER C 126 -4.67 32.03 -15.38
N LYS C 127 -3.59 31.28 -15.61
CA LYS C 127 -3.67 29.89 -16.01
C LYS C 127 -2.57 29.04 -15.38
N TRP C 128 -2.95 27.90 -14.79
CA TRP C 128 -1.98 27.02 -14.15
C TRP C 128 -0.91 26.55 -15.10
N LYS C 129 -1.24 26.53 -16.38
CA LYS C 129 -0.28 26.07 -17.37
C LYS C 129 1.07 26.82 -17.27
N ASP C 130 1.03 28.09 -16.89
CA ASP C 130 2.23 28.91 -16.81
C ASP C 130 2.94 28.99 -15.47
N PHE C 131 2.32 28.42 -14.44
CA PHE C 131 2.89 28.42 -13.11
C PHE C 131 3.66 27.11 -12.93
N HIS C 132 4.98 27.19 -12.97
CA HIS C 132 5.85 26.01 -12.85
C HIS C 132 6.39 25.62 -11.47
N PHE C 133 5.60 24.91 -10.69
CA PHE C 133 6.05 24.47 -9.38
C PHE C 133 5.98 22.95 -9.34
N GLU C 134 6.36 22.35 -8.22
CA GLU C 134 6.33 20.90 -8.10
C GLU C 134 4.88 20.45 -8.04
N LYS C 135 4.36 20.01 -9.19
CA LYS C 135 2.98 19.55 -9.29
C LYS C 135 2.82 18.07 -8.96
N ILE C 136 2.41 17.80 -7.74
CA ILE C 136 2.22 16.44 -7.24
C ILE C 136 0.90 15.86 -7.70
N PRO C 137 0.91 14.67 -8.33
CA PRO C 137 -0.37 14.11 -8.76
C PRO C 137 -1.20 13.74 -7.53
N PHE C 138 -2.50 14.01 -7.58
CA PHE C 138 -3.35 13.66 -6.46
C PHE C 138 -3.20 12.17 -6.24
N ASP C 139 -3.40 11.73 -5.01
CA ASP C 139 -3.28 10.32 -4.71
C ASP C 139 -4.17 9.95 -3.52
N PRO C 140 -5.08 9.00 -3.72
CA PRO C 140 -6.02 8.54 -2.69
C PRO C 140 -5.36 8.14 -1.36
N ALA C 141 -4.17 7.54 -1.45
CA ALA C 141 -3.44 7.13 -0.25
C ALA C 141 -3.52 8.21 0.82
N GLU C 142 -3.02 9.41 0.52
CA GLU C 142 -3.08 10.51 1.48
C GLU C 142 -4.54 10.69 1.88
N MET C 143 -5.36 11.15 0.93
CA MET C 143 -6.81 11.39 1.09
C MET C 143 -7.24 12.64 0.32
N LYS D 23 33.32 -22.86 -1.28
CA LYS D 23 31.92 -22.61 -0.87
C LYS D 23 31.25 -23.89 -0.38
N GLU D 24 30.73 -24.68 -1.32
CA GLU D 24 30.07 -25.94 -1.00
C GLU D 24 30.95 -27.13 -1.44
N ASN D 25 30.62 -28.32 -0.95
CA ASN D 25 31.39 -29.51 -1.31
C ASN D 25 31.22 -29.86 -2.79
N LYS D 26 32.33 -30.10 -3.49
CA LYS D 26 32.24 -30.45 -4.91
C LYS D 26 32.82 -31.84 -5.21
N LYS D 27 32.48 -32.38 -6.37
CA LYS D 27 32.96 -33.69 -6.78
C LYS D 27 34.18 -33.55 -7.66
N LEU D 28 35.16 -34.44 -7.50
CA LEU D 28 36.31 -34.41 -8.40
C LEU D 28 36.17 -35.70 -9.21
N LEU D 29 36.16 -35.59 -10.54
CA LEU D 29 36.01 -36.75 -11.40
C LEU D 29 37.26 -36.95 -12.24
N CYS D 30 37.60 -38.21 -12.50
CA CYS D 30 38.76 -38.51 -13.32
C CYS D 30 38.52 -37.82 -14.67
N ARG D 31 39.43 -36.93 -15.05
CA ARG D 31 39.25 -36.21 -16.30
C ARG D 31 39.12 -37.12 -17.51
N LYS D 32 39.56 -38.36 -17.38
CA LYS D 32 39.47 -39.26 -18.52
C LYS D 32 38.23 -40.16 -18.57
N CYS D 33 37.95 -40.88 -17.49
CA CYS D 33 36.80 -41.78 -17.49
C CYS D 33 35.56 -41.19 -16.82
N LYS D 34 35.75 -40.06 -16.15
CA LYS D 34 34.67 -39.35 -15.45
C LYS D 34 34.20 -40.01 -14.15
N ALA D 35 34.91 -41.05 -13.71
CA ALA D 35 34.57 -41.76 -12.47
C ALA D 35 34.79 -40.90 -11.22
N LEU D 36 33.90 -41.02 -10.23
CA LEU D 36 34.05 -40.26 -8.99
C LEU D 36 35.40 -40.56 -8.38
N ALA D 37 36.17 -39.52 -8.11
CA ALA D 37 37.48 -39.71 -7.52
C ALA D 37 37.45 -39.37 -6.04
N CYS D 38 36.94 -38.19 -5.70
CA CYS D 38 36.87 -37.77 -4.31
C CYS D 38 36.04 -36.50 -4.23
N TYR D 39 35.96 -35.92 -3.05
CA TYR D 39 35.21 -34.69 -2.82
C TYR D 39 36.15 -33.65 -2.24
N THR D 40 35.96 -32.39 -2.61
CA THR D 40 36.84 -31.34 -2.09
C THR D 40 36.82 -31.33 -0.56
N ALA D 41 35.87 -32.01 0.04
CA ALA D 41 35.78 -32.02 1.50
C ALA D 41 36.89 -32.88 2.12
N ASP D 42 37.37 -33.84 1.34
CA ASP D 42 38.42 -34.75 1.77
C ASP D 42 39.82 -34.22 1.44
N VAL D 43 39.87 -33.20 0.58
CA VAL D 43 41.13 -32.61 0.17
C VAL D 43 41.79 -31.84 1.30
N ARG D 44 43.12 -31.84 1.30
CA ARG D 44 43.92 -31.13 2.28
C ARG D 44 45.16 -30.57 1.61
N VAL D 45 45.66 -29.45 2.11
CA VAL D 45 46.82 -28.82 1.53
C VAL D 45 48.09 -28.89 2.37
N ILE D 46 49.13 -29.43 1.77
CA ILE D 46 50.41 -29.55 2.43
C ILE D 46 51.30 -28.45 1.88
N GLU D 47 51.79 -27.60 2.79
CA GLU D 47 52.66 -26.48 2.44
C GLU D 47 52.07 -25.55 1.40
N GLU D 48 50.78 -25.24 1.57
CA GLU D 48 50.05 -24.33 0.69
C GLU D 48 49.90 -24.70 -0.78
N CYS D 49 50.71 -25.61 -1.30
CA CYS D 49 50.57 -25.91 -2.72
C CYS D 49 50.54 -27.38 -3.08
N HIS D 50 50.46 -28.24 -2.08
CA HIS D 50 50.41 -29.65 -2.35
C HIS D 50 49.08 -30.19 -1.85
N TYR D 51 48.30 -30.73 -2.76
CA TYR D 51 46.99 -31.22 -2.42
C TYR D 51 46.93 -32.72 -2.30
N THR D 52 46.46 -33.17 -1.14
CA THR D 52 46.33 -34.59 -0.89
C THR D 52 44.88 -34.90 -0.50
N VAL D 53 44.48 -36.16 -0.67
CA VAL D 53 43.11 -36.62 -0.35
C VAL D 53 43.10 -37.59 0.81
N LEU D 54 42.22 -37.36 1.77
CA LEU D 54 42.11 -38.25 2.94
C LEU D 54 41.14 -39.41 2.73
N GLY D 55 41.26 -40.40 3.59
CA GLY D 55 40.37 -41.55 3.55
C GLY D 55 40.83 -42.70 2.70
N ASP D 56 40.45 -43.90 3.11
CA ASP D 56 40.82 -45.11 2.39
C ASP D 56 39.99 -45.30 1.14
N ALA D 57 38.83 -44.63 1.09
CA ALA D 57 37.97 -44.70 -0.09
C ALA D 57 38.82 -44.29 -1.29
N PHE D 58 39.46 -43.13 -1.16
CA PHE D 58 40.30 -42.64 -2.24
C PHE D 58 41.37 -43.68 -2.54
N LYS D 59 42.01 -44.18 -1.48
CA LYS D 59 43.06 -45.21 -1.61
C LYS D 59 42.63 -46.29 -2.59
N GLU D 60 41.33 -46.58 -2.59
CA GLU D 60 40.79 -47.61 -3.45
C GLU D 60 40.55 -47.17 -4.89
N CYS D 61 40.74 -45.88 -5.18
CA CYS D 61 40.47 -45.38 -6.51
C CYS D 61 41.66 -45.30 -7.45
N PHE D 62 42.86 -45.16 -6.89
CA PHE D 62 44.03 -45.08 -7.73
C PHE D 62 44.95 -46.28 -7.58
N VAL D 63 46.03 -46.27 -8.34
CA VAL D 63 47.03 -47.32 -8.34
C VAL D 63 48.37 -46.63 -8.50
N SER D 64 49.33 -46.98 -7.64
CA SER D 64 50.65 -46.38 -7.73
C SER D 64 51.59 -47.26 -8.51
N ARG D 65 52.64 -46.65 -9.05
CA ARG D 65 53.64 -47.37 -9.85
C ARG D 65 54.99 -46.70 -9.69
N PRO D 66 55.82 -47.19 -8.75
CA PRO D 66 57.14 -46.60 -8.54
C PRO D 66 57.84 -46.35 -9.87
N HIS D 67 58.37 -45.14 -10.04
CA HIS D 67 59.03 -44.76 -11.29
C HIS D 67 60.41 -44.12 -11.05
N PRO D 68 61.06 -43.64 -12.14
CA PRO D 68 62.39 -43.01 -12.04
C PRO D 68 62.63 -41.99 -10.94
N LYS D 69 63.89 -41.88 -10.55
CA LYS D 69 64.36 -40.95 -9.52
C LYS D 69 63.34 -40.77 -8.38
N PRO D 70 62.70 -39.58 -8.24
CA PRO D 70 62.69 -38.28 -8.93
C PRO D 70 63.61 -37.26 -8.27
N LYS D 71 63.36 -36.96 -6.99
CA LYS D 71 64.15 -36.00 -6.23
C LYS D 71 63.60 -35.90 -4.82
N GLN D 72 64.15 -34.98 -4.03
CA GLN D 72 63.70 -34.77 -2.65
C GLN D 72 62.87 -33.49 -2.59
N PHE D 73 62.73 -32.86 -3.75
CA PHE D 73 61.96 -31.62 -3.93
C PHE D 73 61.82 -30.74 -2.70
N SER D 74 62.93 -30.47 -2.02
CA SER D 74 62.94 -29.63 -0.82
C SER D 74 62.01 -30.16 0.27
N SER D 75 60.76 -30.38 -0.08
CA SER D 75 59.77 -30.89 0.85
C SER D 75 59.79 -32.42 0.85
N PHE D 76 58.63 -33.02 0.62
CA PHE D 76 58.48 -34.47 0.58
C PHE D 76 59.35 -35.15 -0.48
N GLU D 77 59.29 -36.48 -0.52
CA GLU D 77 60.05 -37.28 -1.48
C GLU D 77 59.07 -37.98 -2.42
N LYS D 78 59.08 -37.57 -3.69
CA LYS D 78 58.18 -38.13 -4.70
C LYS D 78 58.44 -39.60 -5.08
N ARG D 79 57.91 -40.53 -4.29
CA ARG D 79 58.10 -41.95 -4.58
C ARG D 79 57.59 -42.38 -5.96
N ALA D 80 56.29 -42.59 -6.10
CA ALA D 80 55.73 -43.02 -7.38
C ALA D 80 54.66 -42.14 -8.00
N LYS D 81 54.04 -42.67 -9.04
CA LYS D 81 52.98 -41.99 -9.75
C LYS D 81 51.69 -42.76 -9.52
N ILE D 82 50.61 -42.04 -9.26
CA ILE D 82 49.34 -42.70 -9.04
C ILE D 82 48.44 -42.54 -10.25
N PHE D 83 47.65 -43.57 -10.53
CA PHE D 83 46.76 -43.55 -11.68
C PHE D 83 45.38 -44.05 -11.34
N CYS D 84 44.40 -43.51 -12.06
CA CYS D 84 43.02 -43.94 -11.88
C CYS D 84 43.03 -45.46 -11.97
N ALA D 85 42.46 -46.12 -10.97
CA ALA D 85 42.41 -47.58 -10.93
C ALA D 85 41.23 -48.14 -11.71
N ARG D 86 40.56 -47.29 -12.48
CA ARG D 86 39.42 -47.74 -13.25
C ARG D 86 39.91 -48.63 -14.41
N GLN D 87 38.99 -49.41 -14.99
CA GLN D 87 39.33 -50.31 -16.09
C GLN D 87 39.54 -49.60 -17.42
N ASN D 88 40.76 -49.70 -17.94
CA ASN D 88 41.12 -49.08 -19.22
C ASN D 88 41.19 -47.57 -19.16
N CYS D 89 41.74 -47.06 -18.05
CA CYS D 89 41.88 -45.62 -17.86
C CYS D 89 42.99 -45.36 -16.85
N SER D 90 44.18 -45.87 -17.15
CA SER D 90 45.30 -45.66 -16.25
C SER D 90 45.77 -44.21 -16.39
N HIS D 91 44.88 -43.29 -16.06
CA HIS D 91 45.17 -41.85 -16.17
C HIS D 91 46.00 -41.33 -15.02
N ASP D 92 47.09 -40.65 -15.36
CA ASP D 92 47.99 -40.08 -14.37
C ASP D 92 47.28 -38.99 -13.55
N TRP D 93 47.09 -39.26 -12.27
CA TRP D 93 46.43 -38.35 -11.36
C TRP D 93 47.43 -37.49 -10.66
N GLY D 94 48.59 -38.06 -10.39
CA GLY D 94 49.62 -37.32 -9.70
C GLY D 94 50.72 -38.22 -9.17
N ILE D 95 51.22 -37.88 -8.00
CA ILE D 95 52.29 -38.64 -7.42
C ILE D 95 52.05 -39.00 -5.96
N HIS D 96 52.73 -40.06 -5.52
CA HIS D 96 52.65 -40.53 -4.14
C HIS D 96 54.00 -40.13 -3.55
N VAL D 97 53.98 -39.60 -2.34
CA VAL D 97 55.22 -39.15 -1.71
C VAL D 97 55.18 -39.34 -0.21
N LYS D 98 56.33 -39.13 0.41
CA LYS D 98 56.43 -39.25 1.87
C LYS D 98 56.58 -37.85 2.40
N TYR D 99 55.63 -37.43 3.22
CA TYR D 99 55.67 -36.11 3.82
C TYR D 99 55.84 -36.37 5.29
N LYS D 100 56.87 -35.79 5.87
CA LYS D 100 57.18 -35.96 7.28
C LYS D 100 56.63 -37.25 7.92
N THR D 101 57.15 -38.39 7.44
CA THR D 101 56.81 -39.74 7.91
C THR D 101 55.56 -40.37 7.32
N PHE D 102 54.71 -39.55 6.74
CA PHE D 102 53.49 -40.06 6.16
C PHE D 102 53.64 -40.16 4.65
N GLU D 103 53.18 -41.28 4.08
CA GLU D 103 53.25 -41.41 2.64
C GLU D 103 51.84 -41.12 2.15
N ILE D 104 51.66 -39.97 1.52
CA ILE D 104 50.34 -39.56 1.07
C ILE D 104 50.30 -39.21 -0.42
N PRO D 105 49.11 -39.30 -1.04
CA PRO D 105 48.97 -38.97 -2.45
C PRO D 105 48.84 -37.47 -2.70
N VAL D 106 49.43 -37.00 -3.79
CA VAL D 106 49.36 -35.60 -4.14
C VAL D 106 48.84 -35.53 -5.56
N ILE D 107 47.68 -34.90 -5.71
CA ILE D 107 47.03 -34.83 -7.00
C ILE D 107 47.16 -33.53 -7.78
N LYS D 108 47.11 -33.68 -9.10
CA LYS D 108 47.19 -32.57 -10.05
C LYS D 108 45.75 -32.20 -10.38
N ILE D 109 45.38 -30.95 -10.16
CA ILE D 109 44.01 -30.55 -10.45
C ILE D 109 43.65 -30.74 -11.92
N GLU D 110 44.65 -30.71 -12.80
CA GLU D 110 44.40 -30.88 -14.23
C GLU D 110 44.08 -32.31 -14.64
N SER D 111 44.11 -33.23 -13.69
CA SER D 111 43.80 -34.63 -14.02
C SER D 111 42.35 -34.92 -13.68
N PHE D 112 41.69 -33.93 -13.09
CA PHE D 112 40.32 -34.10 -12.67
C PHE D 112 39.33 -33.10 -13.24
N VAL D 113 38.06 -33.38 -13.00
CA VAL D 113 36.99 -32.51 -13.43
C VAL D 113 36.19 -32.18 -12.19
N VAL D 114 36.23 -30.93 -11.77
CA VAL D 114 35.46 -30.57 -10.60
C VAL D 114 34.03 -30.39 -11.08
N GLU D 115 33.10 -31.02 -10.36
CA GLU D 115 31.70 -30.94 -10.71
C GLU D 115 30.84 -30.45 -9.58
N ASP D 116 29.99 -29.47 -9.87
CA ASP D 116 29.08 -28.97 -8.86
C ASP D 116 27.96 -29.99 -8.76
N ILE D 117 27.79 -30.49 -7.55
CA ILE D 117 26.80 -31.51 -7.21
C ILE D 117 25.33 -31.15 -7.57
N ALA D 118 24.88 -29.98 -7.15
CA ALA D 118 23.51 -29.56 -7.40
C ALA D 118 23.20 -29.27 -8.87
N THR D 119 24.07 -28.52 -9.52
CA THR D 119 23.85 -28.13 -10.91
C THR D 119 24.42 -29.07 -11.96
N GLY D 120 25.40 -29.89 -11.59
CA GLY D 120 25.98 -30.78 -12.57
C GLY D 120 26.96 -30.00 -13.47
N VAL D 121 27.20 -28.74 -13.12
CA VAL D 121 28.12 -27.91 -13.87
C VAL D 121 29.58 -28.36 -13.62
N GLN D 122 30.27 -28.66 -14.71
CA GLN D 122 31.65 -29.12 -14.62
C GLN D 122 32.67 -28.07 -15.04
N THR D 123 33.72 -27.91 -14.24
CA THR D 123 34.76 -26.96 -14.59
C THR D 123 36.13 -27.62 -14.64
N LEU D 124 36.96 -27.14 -15.56
CA LEU D 124 38.33 -27.66 -15.74
C LEU D 124 39.34 -26.63 -15.28
N TYR D 125 40.23 -27.06 -14.40
CA TYR D 125 41.26 -26.18 -13.90
C TYR D 125 42.56 -26.80 -14.34
N SER D 126 43.64 -26.04 -14.24
CA SER D 126 44.93 -26.57 -14.61
C SER D 126 45.89 -26.19 -13.51
N LYS D 127 45.51 -25.20 -12.72
CA LYS D 127 46.34 -24.73 -11.61
C LYS D 127 45.49 -24.55 -10.35
N TRP D 128 45.86 -25.26 -9.28
CA TRP D 128 45.12 -25.17 -8.02
C TRP D 128 44.85 -23.75 -7.56
N LYS D 129 45.70 -22.79 -7.94
CA LYS D 129 45.51 -21.41 -7.51
C LYS D 129 44.17 -20.82 -8.01
N ASP D 130 43.69 -21.30 -9.14
CA ASP D 130 42.47 -20.78 -9.72
C ASP D 130 41.22 -21.44 -9.17
N PHE D 131 41.37 -22.61 -8.58
CA PHE D 131 40.23 -23.32 -8.03
C PHE D 131 39.97 -22.89 -6.60
N HIS D 132 38.92 -22.11 -6.42
CA HIS D 132 38.59 -21.61 -5.10
C HIS D 132 37.55 -22.45 -4.38
N PHE D 133 37.97 -23.09 -3.30
CA PHE D 133 37.10 -23.91 -2.46
C PHE D 133 37.76 -23.87 -1.10
N GLU D 134 37.15 -24.46 -0.08
CA GLU D 134 37.77 -24.42 1.25
C GLU D 134 39.02 -25.26 1.28
N LYS D 135 40.18 -24.60 1.24
CA LYS D 135 41.46 -25.29 1.25
C LYS D 135 41.93 -25.51 2.68
N ILE D 136 41.64 -26.69 3.21
CA ILE D 136 42.00 -27.00 4.60
C ILE D 136 43.43 -27.48 4.77
N PRO D 137 44.19 -26.85 5.67
CA PRO D 137 45.58 -27.21 5.93
C PRO D 137 45.70 -28.67 6.35
N PHE D 138 46.73 -29.35 5.85
CA PHE D 138 46.92 -30.76 6.19
C PHE D 138 47.34 -30.89 7.64
N ASP D 139 46.72 -31.84 8.33
CA ASP D 139 47.04 -32.09 9.72
C ASP D 139 47.32 -33.58 9.94
N PRO D 140 48.53 -33.91 10.43
CA PRO D 140 48.85 -35.33 10.65
C PRO D 140 47.90 -35.95 11.66
N ALA D 141 47.46 -35.15 12.64
CA ALA D 141 46.54 -35.61 13.68
C ALA D 141 45.44 -36.49 13.12
N GLU D 142 44.85 -36.07 12.00
CA GLU D 142 43.81 -36.85 11.33
C GLU D 142 44.42 -38.15 10.84
N MET D 143 45.31 -38.04 9.87
CA MET D 143 45.99 -39.19 9.30
C MET D 143 47.23 -38.71 8.55
N LYS E 23 9.42 8.60 -23.84
CA LYS E 23 10.59 8.08 -24.60
C LYS E 23 10.23 7.71 -26.04
N GLU E 24 10.17 6.41 -26.31
CA GLU E 24 9.86 5.93 -27.65
C GLU E 24 8.52 6.46 -28.14
N ASN E 25 8.43 6.69 -29.45
CA ASN E 25 7.21 7.18 -30.06
C ASN E 25 6.28 5.99 -30.17
N LYS E 26 4.98 6.24 -30.19
CA LYS E 26 4.02 5.16 -30.26
C LYS E 26 2.88 5.44 -31.23
N LYS E 27 2.09 4.42 -31.50
CA LYS E 27 0.98 4.52 -32.42
C LYS E 27 -0.36 4.55 -31.69
N LEU E 28 -1.30 5.30 -32.25
CA LEU E 28 -2.64 5.37 -31.68
C LEU E 28 -3.58 4.75 -32.74
N LEU E 29 -4.25 3.67 -32.37
CA LEU E 29 -5.16 2.99 -33.28
C LEU E 29 -6.57 3.10 -32.77
N CYS E 30 -7.52 3.13 -33.70
CA CYS E 30 -8.91 3.23 -33.32
C CYS E 30 -9.35 2.03 -32.49
N ARG E 31 -9.59 2.29 -31.21
CA ARG E 31 -10.02 1.25 -30.28
C ARG E 31 -10.90 0.17 -30.90
N LYS E 32 -11.83 0.56 -31.77
CA LYS E 32 -12.71 -0.45 -32.36
C LYS E 32 -12.28 -1.00 -33.71
N CYS E 33 -12.12 -0.15 -34.72
CA CYS E 33 -11.71 -0.67 -36.01
C CYS E 33 -10.24 -1.11 -35.99
N LYS E 34 -9.40 -0.38 -35.25
CA LYS E 34 -7.96 -0.66 -35.13
C LYS E 34 -7.15 0.07 -36.18
N ALA E 35 -7.81 0.98 -36.89
CA ALA E 35 -7.14 1.76 -37.90
C ALA E 35 -6.15 2.72 -37.24
N LEU E 36 -4.98 2.85 -37.85
CA LEU E 36 -3.95 3.75 -37.33
C LEU E 36 -4.44 5.21 -37.40
N ALA E 37 -4.52 5.87 -36.25
CA ALA E 37 -4.96 7.25 -36.21
C ALA E 37 -3.77 8.20 -36.30
N CYS E 38 -2.78 8.00 -35.45
CA CYS E 38 -1.63 8.89 -35.46
C CYS E 38 -0.55 8.38 -34.52
N TYR E 39 0.54 9.12 -34.47
CA TYR E 39 1.64 8.77 -33.60
C TYR E 39 1.60 9.77 -32.43
N THR E 40 2.28 9.44 -31.34
CA THR E 40 2.28 10.35 -30.20
C THR E 40 3.27 11.46 -30.41
N ALA E 41 4.08 11.35 -31.46
CA ALA E 41 5.07 12.39 -31.75
C ALA E 41 4.36 13.60 -32.31
N ASP E 42 3.12 13.40 -32.76
CA ASP E 42 2.32 14.47 -33.33
C ASP E 42 1.31 15.00 -32.33
N VAL E 43 1.38 14.54 -31.08
CA VAL E 43 0.42 15.01 -30.09
C VAL E 43 0.91 16.23 -29.33
N ARG E 44 -0.02 17.10 -28.97
CA ARG E 44 0.32 18.30 -28.25
C ARG E 44 -0.72 18.56 -27.17
N VAL E 45 -0.30 19.11 -26.04
CA VAL E 45 -1.23 19.38 -24.95
C VAL E 45 -1.62 20.85 -24.87
N ILE E 46 -2.92 21.09 -24.72
CA ILE E 46 -3.44 22.44 -24.59
C ILE E 46 -3.99 22.55 -23.17
N GLU E 47 -3.49 23.53 -22.43
CA GLU E 47 -3.98 23.77 -21.09
C GLU E 47 -3.73 22.59 -20.13
N GLU E 48 -2.65 21.84 -20.38
CA GLU E 48 -2.23 20.69 -19.57
C GLU E 48 -3.03 19.38 -19.66
N CYS E 49 -4.30 19.44 -20.04
CA CYS E 49 -5.11 18.24 -20.09
C CYS E 49 -5.91 18.01 -21.38
N HIS E 50 -5.70 18.80 -22.41
CA HIS E 50 -6.42 18.58 -23.65
C HIS E 50 -5.40 18.26 -24.73
N TYR E 51 -5.54 17.07 -25.32
CA TYR E 51 -4.60 16.63 -26.34
C TYR E 51 -5.15 16.76 -27.73
N THR E 52 -4.30 17.21 -28.65
CA THR E 52 -4.67 17.37 -30.04
C THR E 52 -3.58 16.80 -30.92
N VAL E 53 -3.89 16.61 -32.19
CA VAL E 53 -2.90 16.06 -33.10
C VAL E 53 -2.53 17.11 -34.14
N LEU E 54 -1.24 17.40 -34.24
CA LEU E 54 -0.78 18.38 -35.21
C LEU E 54 -0.62 17.71 -36.54
N GLY E 55 -1.72 17.52 -37.27
CA GLY E 55 -1.56 16.87 -38.56
C GLY E 55 -2.67 16.86 -39.59
N ASP E 56 -2.21 16.68 -40.81
CA ASP E 56 -3.04 16.62 -42.00
C ASP E 56 -3.43 15.16 -42.17
N ALA E 57 -2.42 14.29 -42.03
CA ALA E 57 -2.60 12.85 -42.12
C ALA E 57 -3.69 12.45 -41.16
N PHE E 58 -3.62 12.99 -39.94
CA PHE E 58 -4.61 12.68 -38.92
C PHE E 58 -5.98 13.15 -39.42
N LYS E 59 -6.02 14.39 -39.91
CA LYS E 59 -7.26 14.98 -40.42
C LYS E 59 -7.99 14.07 -41.42
N GLU E 60 -7.22 13.36 -42.23
CA GLU E 60 -7.79 12.44 -43.21
C GLU E 60 -8.23 11.12 -42.55
N CYS E 61 -8.10 11.05 -41.24
CA CYS E 61 -8.48 9.83 -40.53
C CYS E 61 -9.78 9.99 -39.78
N PHE E 62 -10.18 11.23 -39.50
CA PHE E 62 -11.43 11.44 -38.77
C PHE E 62 -12.43 12.31 -39.52
N VAL E 63 -13.66 12.33 -39.01
CA VAL E 63 -14.74 13.10 -39.59
C VAL E 63 -15.61 13.70 -38.50
N SER E 64 -16.04 14.95 -38.71
CA SER E 64 -16.86 15.68 -37.76
C SER E 64 -18.37 15.57 -38.00
N ARG E 65 -19.15 16.05 -37.04
CA ARG E 65 -20.61 16.03 -37.11
C ARG E 65 -21.19 17.00 -36.10
N PRO E 66 -21.03 18.32 -36.33
CA PRO E 66 -21.56 19.35 -35.42
C PRO E 66 -22.86 18.94 -34.74
N HIS E 67 -22.80 18.67 -33.43
CA HIS E 67 -23.99 18.24 -32.70
C HIS E 67 -24.38 19.01 -31.42
N PRO E 68 -23.92 18.57 -30.23
CA PRO E 68 -24.31 19.29 -29.01
C PRO E 68 -24.09 20.80 -29.05
N LYS E 69 -24.82 21.52 -28.18
CA LYS E 69 -24.73 22.97 -28.09
C LYS E 69 -23.25 23.37 -28.16
N PRO E 70 -22.47 23.13 -27.10
CA PRO E 70 -22.77 22.52 -25.80
C PRO E 70 -22.58 23.54 -24.67
N LYS E 71 -21.43 24.19 -24.68
CA LYS E 71 -21.05 25.19 -23.69
C LYS E 71 -19.68 25.74 -24.10
N GLN E 72 -19.27 26.84 -23.50
CA GLN E 72 -17.99 27.45 -23.82
C GLN E 72 -16.97 27.13 -22.73
N PHE E 73 -16.63 25.85 -22.59
CA PHE E 73 -15.66 25.45 -21.57
C PHE E 73 -14.38 26.23 -21.76
N SER E 74 -13.63 26.38 -20.68
CA SER E 74 -12.36 27.11 -20.69
C SER E 74 -11.47 26.85 -21.90
N SER E 75 -10.69 27.86 -22.26
CA SER E 75 -9.74 27.81 -23.36
C SER E 75 -10.23 27.40 -24.75
N PHE E 76 -11.51 27.11 -24.91
CA PHE E 76 -12.01 26.74 -26.23
C PHE E 76 -13.51 26.50 -26.34
N GLU E 77 -14.02 26.57 -27.56
CA GLU E 77 -15.44 26.35 -27.81
C GLU E 77 -15.66 25.06 -28.59
N LYS E 78 -16.48 24.17 -28.03
CA LYS E 78 -16.77 22.90 -28.69
C LYS E 78 -17.38 23.25 -30.03
N ARG E 79 -17.72 22.25 -30.83
CA ARG E 79 -18.27 22.54 -32.15
C ARG E 79 -18.78 21.28 -32.81
N ALA E 80 -17.85 20.34 -33.03
CA ALA E 80 -18.20 19.08 -33.66
C ALA E 80 -17.68 17.88 -32.87
N LYS E 81 -18.40 16.78 -33.02
CA LYS E 81 -18.07 15.51 -32.38
C LYS E 81 -17.30 14.79 -33.48
N ILE E 82 -16.01 14.51 -33.28
CA ILE E 82 -15.29 13.81 -34.34
C ILE E 82 -15.39 12.30 -34.19
N PHE E 83 -15.45 11.61 -35.32
CA PHE E 83 -15.58 10.16 -35.32
C PHE E 83 -14.60 9.54 -36.32
N CYS E 84 -14.47 8.22 -36.25
CA CYS E 84 -13.58 7.48 -37.14
C CYS E 84 -14.14 7.57 -38.57
N ALA E 85 -13.26 7.85 -39.52
CA ALA E 85 -13.65 7.94 -40.92
C ALA E 85 -14.02 6.58 -41.51
N ARG E 86 -13.28 5.54 -41.13
CA ARG E 86 -13.53 4.17 -41.59
C ARG E 86 -15.01 3.80 -41.45
N GLN E 87 -15.74 3.86 -42.55
CA GLN E 87 -17.16 3.54 -42.55
C GLN E 87 -17.41 2.20 -41.88
N ASN E 88 -18.63 1.99 -41.41
CA ASN E 88 -19.02 0.78 -40.70
C ASN E 88 -18.46 0.85 -39.29
N CYS E 89 -17.59 1.84 -39.07
CA CYS E 89 -16.97 2.11 -37.76
C CYS E 89 -16.93 3.61 -37.52
N SER E 90 -18.05 4.17 -37.06
CA SER E 90 -18.09 5.60 -36.80
C SER E 90 -17.83 5.80 -35.31
N HIS E 91 -16.63 5.42 -34.88
CA HIS E 91 -16.24 5.51 -33.47
C HIS E 91 -15.97 6.93 -32.96
N ASP E 92 -16.48 7.20 -31.76
CA ASP E 92 -16.31 8.48 -31.09
C ASP E 92 -14.85 8.70 -30.72
N TRP E 93 -14.26 9.80 -31.20
CA TRP E 93 -12.85 10.10 -30.92
C TRP E 93 -12.64 11.31 -30.02
N GLY E 94 -13.63 12.18 -29.97
CA GLY E 94 -13.53 13.37 -29.15
C GLY E 94 -14.40 14.50 -29.69
N ILE E 95 -13.79 15.67 -29.84
CA ILE E 95 -14.50 16.84 -30.33
C ILE E 95 -13.54 17.74 -31.07
N HIS E 96 -14.10 18.67 -31.84
CA HIS E 96 -13.29 19.64 -32.58
C HIS E 96 -13.62 20.99 -31.94
N VAL E 97 -12.62 21.84 -31.73
CA VAL E 97 -12.86 23.12 -31.08
C VAL E 97 -12.02 24.28 -31.58
N LYS E 98 -12.36 25.47 -31.08
CA LYS E 98 -11.64 26.69 -31.40
C LYS E 98 -10.77 27.07 -30.21
N TYR E 99 -9.46 27.08 -30.42
CA TYR E 99 -8.52 27.45 -29.37
C TYR E 99 -7.76 28.66 -29.87
N LYS E 100 -8.11 29.82 -29.33
CA LYS E 100 -7.48 31.07 -29.74
C LYS E 100 -7.90 31.30 -31.18
N THR E 101 -6.93 31.21 -32.08
CA THR E 101 -7.13 31.38 -33.50
C THR E 101 -7.66 30.09 -34.11
N PHE E 102 -6.80 29.07 -34.05
CA PHE E 102 -7.01 27.73 -34.59
C PHE E 102 -8.23 26.92 -34.16
N GLU E 103 -8.70 26.11 -35.09
CA GLU E 103 -9.82 25.21 -34.87
C GLU E 103 -9.16 23.83 -34.91
N ILE E 104 -9.19 23.13 -33.78
CA ILE E 104 -8.54 21.85 -33.72
C ILE E 104 -9.34 20.73 -33.08
N PRO E 105 -8.90 19.47 -33.28
CA PRO E 105 -9.57 18.30 -32.71
C PRO E 105 -8.95 18.00 -31.33
N VAL E 106 -9.76 17.46 -30.44
CA VAL E 106 -9.31 17.13 -29.10
C VAL E 106 -9.75 15.69 -28.79
N ILE E 107 -8.76 14.79 -28.80
CA ILE E 107 -8.98 13.37 -28.61
C ILE E 107 -9.11 12.83 -27.19
N LYS E 108 -10.01 11.86 -27.03
CA LYS E 108 -10.25 11.16 -25.77
C LYS E 108 -9.38 9.91 -25.90
N ILE E 109 -8.47 9.67 -24.98
CA ILE E 109 -7.61 8.51 -25.08
C ILE E 109 -8.33 7.14 -24.98
N GLU E 110 -9.51 7.09 -24.37
CA GLU E 110 -10.23 5.83 -24.23
C GLU E 110 -10.82 5.36 -25.55
N SER E 111 -10.65 6.16 -26.58
CA SER E 111 -11.18 5.83 -27.88
C SER E 111 -10.11 5.19 -28.74
N PHE E 112 -8.93 5.04 -28.19
CA PHE E 112 -7.83 4.50 -28.94
C PHE E 112 -7.16 3.33 -28.26
N VAL E 113 -6.07 2.88 -28.87
CA VAL E 113 -5.25 1.80 -28.34
C VAL E 113 -3.86 2.25 -28.72
N VAL E 114 -2.98 2.35 -27.75
CA VAL E 114 -1.65 2.78 -28.09
C VAL E 114 -0.82 1.52 -28.33
N GLU E 115 -0.17 1.49 -29.48
CA GLU E 115 0.63 0.35 -29.85
C GLU E 115 2.09 0.77 -29.93
N ASP E 116 2.97 -0.03 -29.36
CA ASP E 116 4.41 0.27 -29.39
C ASP E 116 4.93 -0.18 -30.75
N ILE E 117 5.63 0.70 -31.44
CA ILE E 117 6.12 0.37 -32.77
C ILE E 117 7.09 -0.81 -32.82
N ALA E 118 7.97 -0.91 -31.83
CA ALA E 118 8.91 -2.03 -31.82
C ALA E 118 8.20 -3.35 -31.50
N THR E 119 7.88 -3.53 -30.22
CA THR E 119 7.24 -4.74 -29.71
C THR E 119 5.81 -5.08 -30.15
N GLY E 120 5.03 -4.07 -30.50
CA GLY E 120 3.66 -4.34 -30.93
C GLY E 120 2.65 -4.52 -29.81
N VAL E 121 3.09 -4.43 -28.56
CA VAL E 121 2.18 -4.61 -27.45
C VAL E 121 1.24 -3.42 -27.39
N GLN E 122 -0.01 -3.71 -27.05
CA GLN E 122 -1.03 -2.71 -26.97
C GLN E 122 -1.43 -2.47 -25.54
N THR E 123 -1.67 -1.22 -25.21
CA THR E 123 -2.07 -0.89 -23.86
C THR E 123 -3.33 -0.02 -23.93
N LEU E 124 -4.26 -0.23 -23.01
CA LEU E 124 -5.50 0.52 -22.99
C LEU E 124 -5.59 1.44 -21.78
N TYR E 125 -5.58 2.74 -22.06
CA TYR E 125 -5.65 3.78 -21.05
C TYR E 125 -7.04 4.41 -21.09
N SER E 126 -7.58 4.81 -19.95
CA SER E 126 -8.88 5.49 -20.00
C SER E 126 -8.70 6.96 -19.60
N LYS E 127 -7.51 7.32 -19.14
CA LYS E 127 -7.23 8.69 -18.73
C LYS E 127 -5.80 9.04 -19.10
N TRP E 128 -5.62 10.21 -19.70
CA TRP E 128 -4.30 10.68 -20.11
C TRP E 128 -3.29 10.77 -18.98
N LYS E 129 -3.77 11.02 -17.76
CA LYS E 129 -2.87 11.16 -16.63
C LYS E 129 -1.98 9.94 -16.50
N ASP E 130 -2.53 8.78 -16.83
CA ASP E 130 -1.82 7.52 -16.73
C ASP E 130 -0.95 7.14 -17.92
N PHE E 131 -1.11 7.86 -19.02
CA PHE E 131 -0.32 7.59 -20.23
C PHE E 131 0.90 8.52 -20.25
N HIS E 132 2.07 7.97 -19.94
CA HIS E 132 3.27 8.78 -19.89
C HIS E 132 4.14 8.75 -21.13
N PHE E 133 3.90 9.69 -22.03
CA PHE E 133 4.69 9.82 -23.23
C PHE E 133 5.18 11.26 -23.23
N GLU E 134 6.04 11.62 -24.18
CA GLU E 134 6.57 12.98 -24.26
C GLU E 134 5.45 13.98 -24.51
N LYS E 135 4.90 14.52 -23.44
CA LYS E 135 3.82 15.46 -23.58
C LYS E 135 4.35 16.86 -23.89
N ILE E 136 4.10 17.31 -25.10
CA ILE E 136 4.56 18.63 -25.55
C ILE E 136 3.41 19.61 -25.60
N PRO E 137 3.58 20.80 -24.98
CA PRO E 137 2.53 21.82 -24.98
C PRO E 137 2.29 22.33 -26.38
N PHE E 138 1.04 22.63 -26.69
CA PHE E 138 0.68 23.15 -28.00
C PHE E 138 1.40 24.48 -28.20
N ASP E 139 2.21 24.58 -29.24
CA ASP E 139 2.91 25.83 -29.50
C ASP E 139 2.21 26.51 -30.66
N PRO E 140 1.35 27.50 -30.36
CA PRO E 140 0.63 28.23 -31.41
C PRO E 140 1.57 28.77 -32.47
N ALA E 141 2.84 28.93 -32.11
CA ALA E 141 3.85 29.43 -33.04
C ALA E 141 4.05 28.47 -34.21
N GLU E 142 3.04 27.62 -34.45
CA GLU E 142 3.08 26.65 -35.54
C GLU E 142 1.69 26.46 -36.17
N MET E 143 1.67 25.98 -37.41
CA MET E 143 0.44 25.76 -38.15
C MET E 143 0.20 24.27 -38.36
N LYS F 23 -1.97 -17.21 32.18
CA LYS F 23 -2.12 -18.21 31.08
C LYS F 23 -2.60 -17.52 29.79
N GLU F 24 -3.90 -17.61 29.53
CA GLU F 24 -4.47 -16.99 28.35
C GLU F 24 -5.01 -15.59 28.68
N ASN F 25 -4.97 -14.69 27.70
CA ASN F 25 -5.45 -13.33 27.88
C ASN F 25 -6.84 -13.30 28.50
N LYS F 26 -6.99 -12.58 29.61
CA LYS F 26 -8.29 -12.47 30.27
C LYS F 26 -8.87 -11.09 30.07
N LYS F 27 -10.12 -10.93 30.47
CA LYS F 27 -10.83 -9.67 30.34
C LYS F 27 -11.25 -9.10 31.70
N LEU F 28 -11.10 -7.79 31.89
CA LEU F 28 -11.48 -7.17 33.15
C LEU F 28 -12.69 -6.27 32.92
N LEU F 29 -13.71 -6.46 33.76
CA LEU F 29 -14.92 -5.67 33.62
C LEU F 29 -15.24 -4.93 34.90
N CYS F 30 -15.78 -3.72 34.75
CA CYS F 30 -16.15 -2.92 35.90
C CYS F 30 -17.08 -3.77 36.77
N ARG F 31 -16.71 -3.95 38.03
CA ARG F 31 -17.49 -4.76 38.95
C ARG F 31 -18.97 -4.42 38.99
N LYS F 32 -19.36 -3.15 38.76
CA LYS F 32 -20.78 -2.83 38.84
C LYS F 32 -21.54 -2.71 37.50
N CYS F 33 -21.17 -1.76 36.64
CA CYS F 33 -21.87 -1.63 35.36
C CYS F 33 -21.51 -2.84 34.50
N LYS F 34 -20.52 -3.60 34.96
CA LYS F 34 -20.09 -4.78 34.25
C LYS F 34 -19.60 -4.48 32.84
N ALA F 35 -19.25 -3.23 32.57
CA ALA F 35 -18.78 -2.83 31.24
C ALA F 35 -17.53 -3.60 30.80
N LEU F 36 -16.55 -2.90 30.26
CA LEU F 36 -15.34 -3.55 29.79
C LEU F 36 -14.16 -2.60 29.93
N ALA F 37 -13.30 -2.87 30.89
CA ALA F 37 -12.14 -2.03 31.11
C ALA F 37 -11.00 -2.39 30.19
N CYS F 38 -10.45 -3.59 30.32
CA CYS F 38 -9.33 -3.95 29.45
C CYS F 38 -9.01 -5.44 29.44
N TYR F 39 -7.85 -5.77 28.88
CA TYR F 39 -7.37 -7.15 28.81
C TYR F 39 -6.05 -7.25 29.57
N THR F 40 -5.91 -8.31 30.35
CA THR F 40 -4.69 -8.51 31.12
C THR F 40 -3.47 -8.23 30.24
N ALA F 41 -3.59 -8.49 28.95
CA ALA F 41 -2.49 -8.24 28.02
C ALA F 41 -2.05 -6.78 28.09
N ASP F 42 -3.00 -5.88 28.32
CA ASP F 42 -2.69 -4.47 28.42
C ASP F 42 -1.96 -4.10 29.71
N VAL F 43 -2.26 -4.84 30.77
CA VAL F 43 -1.70 -4.59 32.09
C VAL F 43 -0.18 -4.63 32.17
N ARG F 44 0.38 -3.85 33.10
CA ARG F 44 1.83 -3.78 33.36
C ARG F 44 2.03 -3.54 34.86
N VAL F 45 3.16 -4.00 35.37
CA VAL F 45 3.46 -3.87 36.79
C VAL F 45 4.39 -2.73 37.21
N ILE F 46 3.87 -1.84 38.05
CA ILE F 46 4.64 -0.72 38.56
C ILE F 46 5.20 -1.12 39.92
N GLU F 47 6.52 -0.94 40.09
CA GLU F 47 7.23 -1.27 41.33
C GLU F 47 6.80 -2.60 41.94
N GLU F 48 6.75 -3.64 41.12
CA GLU F 48 6.38 -4.99 41.55
C GLU F 48 4.97 -5.22 42.11
N CYS F 49 4.29 -4.18 42.58
CA CYS F 49 2.97 -4.44 43.13
C CYS F 49 1.84 -3.53 42.66
N HIS F 50 2.13 -2.56 41.81
CA HIS F 50 1.07 -1.70 41.31
C HIS F 50 0.81 -2.03 39.85
N TYR F 51 -0.47 -1.98 39.46
CA TYR F 51 -0.81 -2.32 38.10
C TYR F 51 -1.39 -1.19 37.28
N THR F 52 -0.81 -0.99 36.11
CA THR F 52 -1.27 0.05 35.21
C THR F 52 -1.82 -0.61 33.94
N VAL F 53 -2.37 0.20 33.04
CA VAL F 53 -2.93 -0.28 31.79
C VAL F 53 -2.42 0.54 30.59
N LEU F 54 -1.82 -0.11 29.60
CA LEU F 54 -1.31 0.61 28.44
C LEU F 54 -2.38 0.77 27.36
N GLY F 55 -2.09 1.64 26.41
CA GLY F 55 -2.99 1.86 25.29
C GLY F 55 -4.02 2.95 25.44
N ASP F 56 -4.32 3.57 24.30
CA ASP F 56 -5.31 4.64 24.23
C ASP F 56 -6.70 4.08 24.53
N ALA F 57 -6.94 2.85 24.09
CA ALA F 57 -8.23 2.20 24.31
C ALA F 57 -8.72 2.33 25.76
N PHE F 58 -7.90 1.94 26.72
CA PHE F 58 -8.30 2.03 28.12
C PHE F 58 -8.56 3.50 28.50
N LYS F 59 -7.80 4.42 27.90
CA LYS F 59 -7.97 5.84 28.19
C LYS F 59 -9.39 6.30 27.89
N GLU F 60 -10.08 5.59 27.01
CA GLU F 60 -11.44 5.95 26.65
C GLU F 60 -12.49 5.32 27.56
N CYS F 61 -12.05 4.62 28.61
CA CYS F 61 -12.98 3.93 29.51
C CYS F 61 -13.06 4.49 30.92
N PHE F 62 -12.19 5.44 31.24
CA PHE F 62 -12.22 6.03 32.59
C PHE F 62 -12.12 7.54 32.55
N VAL F 63 -12.55 8.17 33.63
CA VAL F 63 -12.48 9.62 33.78
C VAL F 63 -11.74 9.87 35.08
N SER F 64 -10.87 10.87 35.08
CA SER F 64 -10.11 11.18 36.28
C SER F 64 -10.51 12.51 36.87
N ARG F 65 -10.82 12.49 38.17
CA ARG F 65 -11.21 13.69 38.89
C ARG F 65 -10.06 14.13 39.79
N PRO F 66 -9.44 15.29 39.47
CA PRO F 66 -8.31 15.84 40.23
C PRO F 66 -8.57 15.85 41.73
N HIS F 67 -7.61 15.31 42.48
CA HIS F 67 -7.72 15.24 43.92
C HIS F 67 -6.92 16.35 44.60
N PRO F 68 -7.51 16.97 45.63
CA PRO F 68 -6.85 18.05 46.37
C PRO F 68 -6.23 17.36 47.59
N LYS F 69 -4.93 17.58 47.81
CA LYS F 69 -4.24 16.95 48.94
C LYS F 69 -4.13 15.43 48.77
N PRO F 70 -3.41 14.99 47.73
CA PRO F 70 -3.24 13.55 47.49
C PRO F 70 -2.29 12.98 48.52
N LYS F 71 -2.33 11.66 48.69
CA LYS F 71 -1.42 11.02 49.62
C LYS F 71 -0.07 10.93 48.92
N GLN F 72 0.98 10.67 49.69
CA GLN F 72 2.30 10.55 49.12
C GLN F 72 2.63 9.07 49.08
N PHE F 73 3.07 8.58 47.93
CA PHE F 73 3.42 7.18 47.87
C PHE F 73 4.93 7.06 47.74
N SER F 74 5.45 5.86 47.97
CA SER F 74 6.88 5.62 47.89
C SER F 74 7.36 5.43 46.46
N SER F 75 6.44 5.24 45.52
CA SER F 75 6.84 4.99 44.14
C SER F 75 6.33 5.97 43.08
N PHE F 76 5.36 6.79 43.41
CA PHE F 76 4.83 7.74 42.44
C PHE F 76 4.04 8.86 43.11
N GLU F 77 3.64 9.84 42.32
CA GLU F 77 2.87 10.96 42.84
C GLU F 77 1.42 10.89 42.33
N LYS F 78 0.49 10.75 43.27
CA LYS F 78 -0.93 10.66 42.94
C LYS F 78 -1.43 12.03 42.52
N ARG F 79 -2.21 12.07 41.45
CA ARG F 79 -2.75 13.32 40.98
C ARG F 79 -4.27 13.30 41.06
N ALA F 80 -4.87 12.11 40.98
CA ALA F 80 -6.33 12.01 41.05
C ALA F 80 -6.90 10.61 41.18
N LYS F 81 -8.21 10.54 41.40
CA LYS F 81 -8.92 9.28 41.47
C LYS F 81 -9.49 8.96 40.07
N ILE F 82 -9.50 7.67 39.72
CA ILE F 82 -9.98 7.24 38.42
C ILE F 82 -11.35 6.56 38.54
N PHE F 83 -12.23 6.82 37.58
CA PHE F 83 -13.58 6.23 37.59
C PHE F 83 -14.07 5.70 36.25
N CYS F 84 -15.07 4.81 36.32
CA CYS F 84 -15.66 4.22 35.12
C CYS F 84 -16.24 5.34 34.25
N ALA F 85 -15.90 5.34 32.97
CA ALA F 85 -16.34 6.39 32.05
C ALA F 85 -17.84 6.41 31.75
N ARG F 86 -18.54 5.33 32.07
CA ARG F 86 -19.97 5.26 31.81
C ARG F 86 -20.76 6.03 32.86
N GLN F 87 -21.26 7.20 32.47
CA GLN F 87 -22.05 8.04 33.38
C GLN F 87 -23.28 7.22 33.78
N ASN F 88 -23.29 6.79 35.04
CA ASN F 88 -24.38 5.96 35.57
C ASN F 88 -23.87 5.28 36.82
N CYS F 89 -22.67 4.70 36.72
CA CYS F 89 -22.08 4.03 37.86
C CYS F 89 -20.83 4.76 38.35
N SER F 90 -20.06 5.30 37.41
CA SER F 90 -18.84 6.03 37.75
C SER F 90 -18.13 5.34 38.92
N HIS F 91 -18.00 4.02 38.80
CA HIS F 91 -17.37 3.21 39.83
C HIS F 91 -15.92 3.61 40.03
N ASP F 92 -15.43 3.38 41.25
CA ASP F 92 -14.06 3.71 41.60
C ASP F 92 -13.12 2.61 41.11
N TRP F 93 -12.19 2.97 40.24
CA TRP F 93 -11.24 2.02 39.67
C TRP F 93 -9.81 2.11 40.22
N GLY F 94 -9.48 3.23 40.84
CA GLY F 94 -8.15 3.40 41.36
C GLY F 94 -7.72 4.85 41.39
N ILE F 95 -6.53 5.12 40.85
CA ILE F 95 -6.02 6.49 40.84
C ILE F 95 -5.18 6.71 39.61
N HIS F 96 -4.87 7.97 39.34
CA HIS F 96 -4.03 8.34 38.21
C HIS F 96 -2.81 9.04 38.83
N VAL F 97 -1.61 8.56 38.51
CA VAL F 97 -0.40 9.11 39.12
C VAL F 97 0.73 9.55 38.17
N LYS F 98 1.75 10.17 38.77
CA LYS F 98 2.92 10.58 38.01
C LYS F 98 4.01 9.58 38.39
N TYR F 99 4.51 8.87 37.38
CA TYR F 99 5.55 7.87 37.60
C TYR F 99 6.72 8.15 36.66
N LYS F 100 7.82 8.61 37.25
CA LYS F 100 8.99 8.95 36.49
C LYS F 100 8.59 10.07 35.53
N THR F 101 8.78 9.86 34.24
CA THR F 101 8.43 10.89 33.26
C THR F 101 7.05 10.59 32.67
N PHE F 102 6.30 9.70 33.32
CA PHE F 102 5.00 9.29 32.80
C PHE F 102 3.80 9.53 33.70
N GLU F 103 2.68 9.89 33.08
CA GLU F 103 1.43 10.11 33.79
C GLU F 103 0.65 8.84 33.46
N ILE F 104 0.25 8.09 34.47
CA ILE F 104 -0.46 6.85 34.19
C ILE F 104 -1.53 6.46 35.20
N PRO F 105 -2.41 5.52 34.80
CA PRO F 105 -3.49 5.02 35.65
C PRO F 105 -2.98 3.80 36.40
N VAL F 106 -3.50 3.59 37.60
CA VAL F 106 -3.15 2.46 38.47
C VAL F 106 -4.48 1.96 38.99
N ILE F 107 -4.78 0.69 38.76
CA ILE F 107 -6.06 0.13 39.15
C ILE F 107 -6.13 -0.88 40.29
N LYS F 108 -7.24 -0.85 41.02
CA LYS F 108 -7.50 -1.76 42.13
C LYS F 108 -8.21 -2.96 41.50
N ILE F 109 -7.63 -4.14 41.62
CA ILE F 109 -8.26 -5.31 41.04
C ILE F 109 -9.65 -5.55 41.61
N GLU F 110 -9.88 -5.17 42.87
CA GLU F 110 -11.18 -5.38 43.52
C GLU F 110 -12.32 -4.58 42.92
N SER F 111 -12.00 -3.70 41.98
CA SER F 111 -13.03 -2.89 41.33
C SER F 111 -13.42 -3.54 40.01
N PHE F 112 -12.85 -4.71 39.74
CA PHE F 112 -13.16 -5.39 38.50
C PHE F 112 -13.56 -6.84 38.66
N VAL F 113 -14.19 -7.36 37.62
CA VAL F 113 -14.61 -8.75 37.56
C VAL F 113 -13.84 -9.26 36.36
N VAL F 114 -12.91 -10.18 36.58
CA VAL F 114 -12.16 -10.72 35.48
C VAL F 114 -12.99 -11.86 34.85
N GLU F 115 -13.14 -11.80 33.53
CA GLU F 115 -13.94 -12.78 32.80
C GLU F 115 -13.11 -13.57 31.82
N ASP F 116 -13.27 -14.89 31.82
CA ASP F 116 -12.55 -15.75 30.88
C ASP F 116 -13.32 -15.72 29.56
N ILE F 117 -12.66 -15.26 28.50
CA ILE F 117 -13.28 -15.15 27.18
C ILE F 117 -14.05 -16.40 26.73
N ALA F 118 -13.37 -17.54 26.73
CA ALA F 118 -13.98 -18.81 26.30
C ALA F 118 -15.25 -19.19 27.06
N THR F 119 -15.13 -19.31 28.38
CA THR F 119 -16.25 -19.72 29.23
C THR F 119 -17.21 -18.67 29.80
N GLY F 120 -16.73 -17.46 30.00
CA GLY F 120 -17.59 -16.42 30.56
C GLY F 120 -17.72 -16.54 32.07
N VAL F 121 -16.94 -17.44 32.66
CA VAL F 121 -16.95 -17.61 34.10
C VAL F 121 -16.22 -16.39 34.67
N GLN F 122 -16.75 -15.83 35.74
CA GLN F 122 -16.18 -14.65 36.35
C GLN F 122 -15.53 -14.88 37.70
N THR F 123 -14.39 -14.23 37.93
CA THR F 123 -13.67 -14.34 39.19
C THR F 123 -13.56 -12.97 39.87
N LEU F 124 -13.80 -12.94 41.18
CA LEU F 124 -13.68 -11.71 41.93
C LEU F 124 -12.46 -11.84 42.86
N TYR F 125 -11.47 -10.97 42.64
CA TYR F 125 -10.22 -10.94 43.44
C TYR F 125 -10.23 -9.69 44.29
N SER F 126 -9.45 -9.66 45.35
CA SER F 126 -9.40 -8.45 46.19
C SER F 126 -7.99 -7.90 46.19
N LYS F 127 -7.03 -8.79 45.99
CA LYS F 127 -5.62 -8.43 45.99
C LYS F 127 -4.94 -9.03 44.76
N TRP F 128 -4.21 -8.20 44.01
CA TRP F 128 -3.53 -8.65 42.80
C TRP F 128 -2.68 -9.90 42.95
N LYS F 129 -2.13 -10.13 44.15
CA LYS F 129 -1.27 -11.29 44.42
C LYS F 129 -1.90 -12.66 44.17
N ASP F 130 -3.23 -12.71 44.18
CA ASP F 130 -3.93 -13.97 43.95
C ASP F 130 -4.37 -14.13 42.51
N PHE F 131 -4.25 -13.07 41.73
CA PHE F 131 -4.64 -13.13 40.33
C PHE F 131 -3.39 -13.50 39.56
N HIS F 132 -3.38 -14.71 39.00
CA HIS F 132 -2.22 -15.18 38.24
C HIS F 132 -2.40 -15.11 36.73
N PHE F 133 -1.58 -14.31 36.09
CA PHE F 133 -1.60 -14.15 34.64
C PHE F 133 -0.23 -13.63 34.25
N GLU F 134 0.11 -13.64 32.96
CA GLU F 134 1.41 -13.14 32.53
C GLU F 134 1.63 -11.72 33.04
N LYS F 135 2.44 -11.57 34.10
CA LYS F 135 2.72 -10.25 34.68
C LYS F 135 4.00 -9.68 34.12
N ILE F 136 3.86 -8.70 33.24
CA ILE F 136 5.02 -8.09 32.61
C ILE F 136 5.39 -6.78 33.27
N PRO F 137 6.66 -6.63 33.63
CA PRO F 137 7.14 -5.41 34.28
C PRO F 137 6.89 -4.23 33.36
N PHE F 138 6.52 -3.09 33.94
CA PHE F 138 6.29 -1.89 33.14
C PHE F 138 7.61 -1.51 32.49
N ASP F 139 7.55 -1.07 31.24
CA ASP F 139 8.73 -0.65 30.50
C ASP F 139 8.51 0.73 29.91
N PRO F 140 9.44 1.67 30.19
CA PRO F 140 9.32 3.03 29.66
C PRO F 140 9.44 3.02 28.13
N ALA F 141 8.82 2.01 27.53
CA ALA F 141 8.77 1.85 26.07
C ALA F 141 7.28 1.83 25.78
N GLU F 142 6.74 3.02 25.50
CA GLU F 142 5.33 3.27 25.20
C GLU F 142 4.93 4.49 26.05
N MET F 143 4.21 4.25 27.15
CA MET F 143 3.80 5.36 28.02
C MET F 143 4.00 5.00 29.49
N LYS G 23 -48.26 5.70 -11.65
CA LYS G 23 -48.78 6.83 -10.83
C LYS G 23 -48.12 8.15 -11.24
N GLU G 24 -47.08 8.53 -10.50
CA GLU G 24 -46.36 9.77 -10.77
C GLU G 24 -44.97 9.54 -11.38
N ASN G 25 -44.38 10.60 -11.91
CA ASN G 25 -43.07 10.57 -12.56
C ASN G 25 -41.92 10.46 -11.57
N LYS G 26 -41.24 9.31 -11.58
CA LYS G 26 -40.11 9.07 -10.71
C LYS G 26 -38.84 9.15 -11.56
N LYS G 27 -37.69 9.35 -10.93
CA LYS G 27 -36.46 9.40 -11.71
C LYS G 27 -35.48 8.29 -11.41
N LEU G 28 -34.74 7.88 -12.43
CA LEU G 28 -33.76 6.80 -12.30
C LEU G 28 -32.35 7.34 -12.09
N LEU G 29 -31.75 6.97 -10.97
CA LEU G 29 -30.39 7.38 -10.66
C LEU G 29 -29.48 6.20 -10.94
N CYS G 30 -28.21 6.46 -11.20
CA CYS G 30 -27.29 5.36 -11.43
C CYS G 30 -27.10 4.65 -10.09
N ARG G 31 -27.38 3.36 -10.06
CA ARG G 31 -27.24 2.57 -8.85
C ARG G 31 -25.91 2.84 -8.18
N LYS G 32 -24.85 2.88 -8.97
CA LYS G 32 -23.51 3.08 -8.48
C LYS G 32 -23.12 4.49 -8.05
N CYS G 33 -23.16 5.45 -8.98
CA CYS G 33 -22.76 6.82 -8.66
C CYS G 33 -23.90 7.77 -8.29
N LYS G 34 -25.15 7.30 -8.41
CA LYS G 34 -26.32 8.10 -8.06
C LYS G 34 -26.67 9.26 -9.01
N ALA G 35 -26.01 9.33 -10.15
CA ALA G 35 -26.28 10.39 -11.12
C ALA G 35 -27.66 10.20 -11.77
N LEU G 36 -28.30 11.30 -12.14
CA LEU G 36 -29.61 11.24 -12.76
C LEU G 36 -29.47 10.58 -14.13
N ALA G 37 -30.05 9.41 -14.29
CA ALA G 37 -29.99 8.74 -15.58
C ALA G 37 -31.09 9.34 -16.46
N CYS G 38 -32.34 9.16 -16.03
CA CYS G 38 -33.49 9.68 -16.77
C CYS G 38 -34.76 9.72 -15.90
N TYR G 39 -35.88 10.02 -16.52
CA TYR G 39 -37.14 10.06 -15.79
C TYR G 39 -38.05 8.97 -16.33
N THR G 40 -38.86 8.38 -15.46
CA THR G 40 -39.75 7.33 -15.91
C THR G 40 -40.61 7.83 -17.07
N ALA G 41 -40.72 9.15 -17.21
CA ALA G 41 -41.50 9.77 -18.30
C ALA G 41 -40.84 9.54 -19.66
N ASP G 42 -39.52 9.34 -19.66
CA ASP G 42 -38.78 9.11 -20.90
C ASP G 42 -38.67 7.64 -21.28
N VAL G 43 -39.14 6.74 -20.42
CA VAL G 43 -39.05 5.32 -20.69
C VAL G 43 -40.15 4.81 -21.61
N ARG G 44 -39.77 3.97 -22.55
CA ARG G 44 -40.72 3.39 -23.50
C ARG G 44 -40.46 1.90 -23.60
N VAL G 45 -41.55 1.12 -23.60
CA VAL G 45 -41.45 -0.32 -23.68
C VAL G 45 -41.57 -0.89 -25.08
N ILE G 46 -40.70 -1.83 -25.40
CA ILE G 46 -40.75 -2.49 -26.70
C ILE G 46 -41.19 -3.91 -26.43
N GLU G 47 -42.19 -4.35 -27.20
CA GLU G 47 -42.76 -5.68 -27.07
C GLU G 47 -42.95 -6.15 -25.62
N GLU G 48 -43.56 -5.26 -24.83
CA GLU G 48 -43.88 -5.51 -23.42
C GLU G 48 -42.77 -5.72 -22.39
N CYS G 49 -41.54 -6.00 -22.83
CA CYS G 49 -40.47 -6.25 -21.86
C CYS G 49 -39.11 -5.60 -22.11
N HIS G 50 -38.92 -4.88 -23.20
CA HIS G 50 -37.62 -4.26 -23.42
C HIS G 50 -37.69 -2.75 -23.21
N TYR G 51 -37.05 -2.28 -22.15
CA TYR G 51 -37.06 -0.87 -21.81
C TYR G 51 -35.95 -0.01 -22.40
N THR G 52 -36.38 1.02 -23.14
CA THR G 52 -35.48 1.98 -23.78
C THR G 52 -35.81 3.38 -23.28
N VAL G 53 -34.95 4.34 -23.58
CA VAL G 53 -35.19 5.72 -23.13
C VAL G 53 -35.17 6.69 -24.31
N LEU G 54 -36.13 7.60 -24.35
CA LEU G 54 -36.22 8.58 -25.43
C LEU G 54 -35.51 9.89 -25.07
N GLY G 55 -35.02 10.59 -26.09
CA GLY G 55 -34.36 11.87 -25.87
C GLY G 55 -32.86 11.96 -26.05
N ASP G 56 -32.38 13.16 -26.38
CA ASP G 56 -30.95 13.38 -26.55
C ASP G 56 -30.28 13.58 -25.20
N ALA G 57 -31.06 13.98 -24.20
CA ALA G 57 -30.54 14.19 -22.86
C ALA G 57 -29.93 12.90 -22.32
N PHE G 58 -30.62 11.79 -22.58
CA PHE G 58 -30.14 10.51 -22.11
C PHE G 58 -28.89 10.09 -22.88
N LYS G 59 -28.84 10.43 -24.17
CA LYS G 59 -27.69 10.07 -24.99
C LYS G 59 -26.39 10.56 -24.33
N GLU G 60 -26.50 11.64 -23.56
CA GLU G 60 -25.34 12.22 -22.88
C GLU G 60 -25.00 11.53 -21.57
N CYS G 61 -25.95 10.81 -20.99
CA CYS G 61 -25.70 10.15 -19.72
C CYS G 61 -25.02 8.80 -19.82
N PHE G 62 -25.00 8.20 -21.00
CA PHE G 62 -24.35 6.91 -21.12
C PHE G 62 -23.29 6.89 -22.21
N VAL G 63 -22.33 6.00 -22.07
CA VAL G 63 -21.28 5.83 -23.06
C VAL G 63 -21.38 4.39 -23.57
N SER G 64 -21.02 4.15 -24.82
CA SER G 64 -21.10 2.80 -25.34
C SER G 64 -19.74 2.27 -25.79
N ARG G 65 -19.57 0.97 -25.62
CA ARG G 65 -18.36 0.29 -26.01
C ARG G 65 -18.77 -1.01 -26.66
N PRO G 66 -18.27 -1.27 -27.88
CA PRO G 66 -18.60 -2.50 -28.62
C PRO G 66 -18.31 -3.74 -27.79
N HIS G 67 -19.11 -4.80 -27.99
CA HIS G 67 -18.92 -6.02 -27.22
C HIS G 67 -19.29 -7.30 -27.98
N PRO G 68 -18.86 -8.47 -27.46
CA PRO G 68 -19.09 -9.80 -28.04
C PRO G 68 -20.33 -10.01 -28.91
N LYS G 69 -20.15 -10.84 -29.94
CA LYS G 69 -21.18 -11.20 -30.90
C LYS G 69 -22.29 -10.15 -30.99
N PRO G 70 -23.37 -10.29 -30.20
CA PRO G 70 -23.76 -11.29 -29.21
C PRO G 70 -24.74 -12.31 -29.81
N LYS G 71 -25.77 -11.79 -30.47
CA LYS G 71 -26.79 -12.62 -31.10
C LYS G 71 -27.87 -11.75 -31.74
N GLN G 72 -28.86 -12.38 -32.37
CA GLN G 72 -29.96 -11.67 -33.00
C GLN G 72 -31.26 -12.00 -32.25
N PHE G 73 -31.32 -11.58 -30.99
CA PHE G 73 -32.45 -11.82 -30.11
C PHE G 73 -33.77 -11.35 -30.72
N SER G 74 -34.34 -12.18 -31.60
CA SER G 74 -35.62 -11.89 -32.26
C SER G 74 -35.92 -10.41 -32.41
N SER G 75 -36.52 -9.83 -31.37
CA SER G 75 -36.90 -8.42 -31.35
C SER G 75 -35.87 -7.52 -32.02
N PHE G 76 -34.64 -7.52 -31.49
CA PHE G 76 -33.59 -6.68 -32.03
C PHE G 76 -32.22 -7.36 -32.12
N GLU G 77 -31.24 -6.61 -32.61
CA GLU G 77 -29.87 -7.10 -32.78
C GLU G 77 -28.90 -6.27 -31.95
N LYS G 78 -28.37 -6.86 -30.88
CA LYS G 78 -27.44 -6.14 -30.02
C LYS G 78 -26.20 -5.70 -30.78
N ARG G 79 -25.63 -4.57 -30.36
CA ARG G 79 -24.46 -4.02 -31.04
C ARG G 79 -23.37 -3.60 -30.05
N ALA G 80 -23.79 -3.13 -28.88
CA ALA G 80 -22.82 -2.70 -27.87
C ALA G 80 -23.43 -2.52 -26.47
N LYS G 81 -22.61 -2.72 -25.47
CA LYS G 81 -23.02 -2.54 -24.08
C LYS G 81 -22.90 -1.07 -23.75
N ILE G 82 -23.80 -0.55 -22.91
CA ILE G 82 -23.70 0.85 -22.54
C ILE G 82 -23.36 0.96 -21.05
N PHE G 83 -22.69 2.05 -20.69
CA PHE G 83 -22.28 2.27 -19.31
C PHE G 83 -22.50 3.71 -18.89
N CYS G 84 -22.59 3.92 -17.58
CA CYS G 84 -22.76 5.26 -17.04
C CYS G 84 -21.65 6.13 -17.60
N ALA G 85 -22.01 7.27 -18.19
CA ALA G 85 -21.04 8.18 -18.79
C ALA G 85 -20.15 8.94 -17.79
N ARG G 86 -20.51 8.97 -16.52
CA ARG G 86 -19.65 9.66 -15.56
C ARG G 86 -18.42 8.79 -15.34
N GLN G 87 -17.23 9.31 -15.66
CA GLN G 87 -16.02 8.51 -15.45
C GLN G 87 -15.82 8.27 -13.95
N ASN G 88 -15.01 7.28 -13.64
CA ASN G 88 -14.75 6.91 -12.26
C ASN G 88 -15.96 6.11 -11.78
N CYS G 89 -16.81 5.74 -12.73
CA CYS G 89 -18.02 4.96 -12.48
C CYS G 89 -18.14 3.86 -13.54
N SER G 90 -18.45 4.26 -14.77
CA SER G 90 -18.57 3.33 -15.87
C SER G 90 -19.48 2.13 -15.58
N HIS G 91 -20.53 2.35 -14.79
CA HIS G 91 -21.43 1.25 -14.44
C HIS G 91 -22.20 0.71 -15.64
N ASP G 92 -22.54 -0.58 -15.60
CA ASP G 92 -23.25 -1.24 -16.68
C ASP G 92 -24.75 -0.96 -16.61
N TRP G 93 -25.30 -0.32 -17.64
CA TRP G 93 -26.72 0.04 -17.67
C TRP G 93 -27.57 -0.86 -18.57
N GLY G 94 -26.93 -1.44 -19.57
CA GLY G 94 -27.67 -2.29 -20.47
C GLY G 94 -26.94 -2.45 -21.78
N ILE G 95 -27.67 -2.31 -22.88
CA ILE G 95 -27.06 -2.48 -24.18
C ILE G 95 -27.58 -1.48 -25.20
N HIS G 96 -27.02 -1.54 -26.41
CA HIS G 96 -27.44 -0.68 -27.52
C HIS G 96 -27.73 -1.61 -28.67
N VAL G 97 -28.97 -1.60 -29.13
CA VAL G 97 -29.34 -2.50 -30.20
C VAL G 97 -29.95 -1.80 -31.40
N LYS G 98 -29.98 -2.53 -32.51
CA LYS G 98 -30.62 -2.04 -33.72
C LYS G 98 -31.99 -2.70 -33.64
N TYR G 99 -33.03 -1.90 -33.79
CA TYR G 99 -34.39 -2.40 -33.74
C TYR G 99 -35.09 -1.74 -34.92
N LYS G 100 -35.61 -2.56 -35.83
CA LYS G 100 -36.26 -2.03 -37.02
C LYS G 100 -35.22 -1.11 -37.68
N THR G 101 -35.56 0.17 -37.81
CA THR G 101 -34.67 1.14 -38.42
C THR G 101 -34.06 2.06 -37.36
N PHE G 102 -34.00 1.56 -36.13
CA PHE G 102 -33.49 2.36 -35.02
C PHE G 102 -32.30 1.75 -34.32
N GLU G 103 -31.54 2.61 -33.66
CA GLU G 103 -30.40 2.18 -32.86
C GLU G 103 -30.67 2.89 -31.53
N ILE G 104 -31.15 2.09 -30.56
CA ILE G 104 -31.50 2.64 -29.26
C ILE G 104 -30.89 1.88 -28.07
N PRO G 105 -30.95 2.47 -26.87
CA PRO G 105 -30.41 1.82 -25.69
C PRO G 105 -31.49 1.00 -25.04
N VAL G 106 -31.11 -0.07 -24.37
CA VAL G 106 -32.08 -0.92 -23.68
C VAL G 106 -31.49 -1.10 -22.30
N ILE G 107 -32.20 -0.58 -21.31
CA ILE G 107 -31.72 -0.61 -19.94
C ILE G 107 -32.26 -1.68 -18.99
N LYS G 108 -31.44 -2.00 -18.00
CA LYS G 108 -31.76 -2.99 -16.97
C LYS G 108 -32.11 -2.20 -15.71
N ILE G 109 -33.30 -2.40 -15.16
CA ILE G 109 -33.67 -1.65 -13.98
C ILE G 109 -32.73 -1.87 -12.80
N GLU G 110 -32.06 -3.01 -12.76
CA GLU G 110 -31.16 -3.32 -11.66
C GLU G 110 -29.94 -2.41 -11.57
N SER G 111 -29.65 -1.70 -12.66
CA SER G 111 -28.51 -0.81 -12.70
C SER G 111 -28.89 0.58 -12.21
N PHE G 112 -30.11 0.72 -11.73
CA PHE G 112 -30.55 2.03 -11.29
C PHE G 112 -31.19 2.03 -9.92
N VAL G 113 -31.46 3.22 -9.44
CA VAL G 113 -32.12 3.40 -8.17
C VAL G 113 -33.27 4.31 -8.54
N VAL G 114 -34.49 3.83 -8.35
CA VAL G 114 -35.67 4.63 -8.65
C VAL G 114 -35.92 5.51 -7.42
N GLU G 115 -35.89 6.83 -7.64
CA GLU G 115 -36.10 7.80 -6.58
C GLU G 115 -37.36 8.62 -6.79
N ASP G 116 -38.17 8.71 -5.75
CA ASP G 116 -39.40 9.46 -5.82
C ASP G 116 -39.04 10.92 -5.59
N ILE G 117 -39.51 11.81 -6.46
CA ILE G 117 -39.20 13.23 -6.30
C ILE G 117 -39.87 13.82 -5.06
N ALA G 118 -41.13 13.48 -4.86
CA ALA G 118 -41.89 13.99 -3.73
C ALA G 118 -41.27 13.72 -2.37
N THR G 119 -41.19 12.46 -1.99
CA THR G 119 -40.64 12.08 -0.70
C THR G 119 -39.15 11.80 -0.70
N GLY G 120 -38.60 11.42 -1.84
CA GLY G 120 -37.17 11.12 -1.90
C GLY G 120 -36.88 9.68 -1.58
N VAL G 121 -37.93 8.91 -1.33
CA VAL G 121 -37.78 7.50 -1.04
C VAL G 121 -37.11 6.84 -2.23
N GLN G 122 -36.13 5.97 -1.95
CA GLN G 122 -35.42 5.28 -3.02
C GLN G 122 -35.62 3.78 -2.93
N THR G 123 -35.89 3.16 -4.07
CA THR G 123 -36.08 1.72 -4.09
C THR G 123 -35.27 1.04 -5.19
N LEU G 124 -34.83 -0.17 -4.90
CA LEU G 124 -34.03 -0.95 -5.81
C LEU G 124 -34.81 -2.16 -6.30
N TYR G 125 -34.92 -2.28 -7.61
CA TYR G 125 -35.61 -3.41 -8.22
C TYR G 125 -34.54 -4.25 -8.87
N SER G 126 -34.91 -5.43 -9.34
CA SER G 126 -33.96 -6.29 -10.01
C SER G 126 -34.61 -6.74 -11.31
N LYS G 127 -35.93 -6.58 -11.36
CA LYS G 127 -36.70 -6.98 -12.51
C LYS G 127 -37.81 -5.97 -12.77
N TRP G 128 -38.00 -5.60 -14.03
CA TRP G 128 -39.03 -4.64 -14.42
C TRP G 128 -40.43 -5.04 -13.99
N LYS G 129 -40.75 -6.32 -14.12
CA LYS G 129 -42.07 -6.82 -13.77
C LYS G 129 -42.48 -6.37 -12.36
N ASP G 130 -41.52 -6.03 -11.51
CA ASP G 130 -41.88 -5.60 -10.18
C ASP G 130 -41.99 -4.07 -10.03
N PHE G 131 -41.48 -3.34 -11.01
CA PHE G 131 -41.56 -1.89 -10.95
C PHE G 131 -42.85 -1.43 -11.64
N HIS G 132 -43.84 -1.09 -10.82
CA HIS G 132 -45.13 -0.64 -11.34
C HIS G 132 -45.18 0.88 -11.54
N PHE G 133 -45.14 1.29 -12.80
CA PHE G 133 -45.19 2.69 -13.17
C PHE G 133 -45.80 2.75 -14.57
N GLU G 134 -46.10 3.96 -15.04
CA GLU G 134 -46.70 4.18 -16.35
C GLU G 134 -45.84 3.60 -17.49
N LYS G 135 -46.12 2.37 -17.91
CA LYS G 135 -45.34 1.76 -18.97
C LYS G 135 -45.90 2.07 -20.35
N ILE G 136 -45.31 3.05 -21.03
CA ILE G 136 -45.78 3.45 -22.35
C ILE G 136 -45.12 2.66 -23.48
N PRO G 137 -45.93 2.12 -24.41
CA PRO G 137 -45.37 1.34 -25.53
C PRO G 137 -44.50 2.22 -26.43
N PHE G 138 -43.57 1.58 -27.15
CA PHE G 138 -42.68 2.28 -28.05
C PHE G 138 -43.38 2.61 -29.37
N ASP G 139 -43.28 3.86 -29.80
CA ASP G 139 -43.93 4.29 -31.04
C ASP G 139 -42.99 4.93 -32.07
N PRO G 140 -42.68 4.20 -33.14
CA PRO G 140 -41.78 4.76 -34.16
C PRO G 140 -42.28 6.13 -34.65
N ALA G 141 -43.57 6.40 -34.45
CA ALA G 141 -44.17 7.66 -34.85
C ALA G 141 -43.95 8.63 -33.68
N GLU G 142 -42.66 8.92 -33.48
CA GLU G 142 -42.13 9.77 -32.41
C GLU G 142 -40.85 8.98 -32.28
N MET G 143 -39.72 9.59 -32.64
CA MET G 143 -38.42 8.92 -32.61
C MET G 143 -38.23 7.81 -31.57
N LYS H 23 -22.99 41.61 28.91
CA LYS H 23 -24.30 42.29 28.75
C LYS H 23 -25.48 41.32 28.94
N GLU H 24 -26.57 41.56 28.23
CA GLU H 24 -27.75 40.72 28.30
C GLU H 24 -27.50 39.40 27.58
N ASN H 25 -28.35 38.40 27.83
CA ASN H 25 -28.21 37.09 27.20
C ASN H 25 -28.72 37.12 25.75
N LYS H 26 -27.90 36.65 24.82
CA LYS H 26 -28.28 36.63 23.41
C LYS H 26 -28.27 35.22 22.88
N LYS H 27 -28.82 35.04 21.68
CA LYS H 27 -28.92 33.74 21.03
C LYS H 27 -27.94 33.53 19.88
N LEU H 28 -27.40 32.31 19.81
CA LEU H 28 -26.50 31.95 18.73
C LEU H 28 -27.32 31.09 17.77
N LEU H 29 -27.36 31.49 16.51
CA LEU H 29 -28.10 30.74 15.50
C LEU H 29 -27.13 30.28 14.44
N CYS H 30 -27.38 29.11 13.88
CA CYS H 30 -26.52 28.56 12.84
C CYS H 30 -26.42 29.64 11.76
N ARG H 31 -25.22 29.87 11.27
CA ARG H 31 -25.02 30.91 10.26
C ARG H 31 -25.55 30.48 8.92
N LYS H 32 -25.67 29.17 8.71
CA LYS H 32 -26.15 28.65 7.42
C LYS H 32 -27.66 28.44 7.36
N CYS H 33 -28.21 27.74 8.35
CA CYS H 33 -29.65 27.43 8.39
C CYS H 33 -30.45 28.37 9.29
N LYS H 34 -29.76 29.06 10.19
CA LYS H 34 -30.40 30.00 11.10
C LYS H 34 -31.12 29.35 12.27
N ALA H 35 -30.93 28.05 12.48
CA ALA H 35 -31.59 27.40 13.60
C ALA H 35 -30.90 27.82 14.90
N LEU H 36 -31.61 27.67 16.01
CA LEU H 36 -31.07 28.03 17.31
C LEU H 36 -30.05 26.98 17.71
N ALA H 37 -28.89 27.44 18.15
CA ALA H 37 -27.84 26.52 18.57
C ALA H 37 -27.62 26.61 20.07
N CYS H 38 -27.63 27.82 20.62
CA CYS H 38 -27.42 27.99 22.05
C CYS H 38 -27.57 29.44 22.48
N TYR H 39 -27.46 29.65 23.79
CA TYR H 39 -27.55 30.97 24.40
C TYR H 39 -26.19 31.35 24.97
N THR H 40 -25.78 32.60 24.77
CA THR H 40 -24.50 33.06 25.29
C THR H 40 -24.33 32.69 26.76
N ALA H 41 -25.45 32.57 27.47
CA ALA H 41 -25.41 32.23 28.90
C ALA H 41 -24.80 30.85 29.14
N ASP H 42 -25.00 29.94 28.19
CA ASP H 42 -24.48 28.59 28.32
C ASP H 42 -23.02 28.51 27.86
N VAL H 43 -22.52 29.60 27.30
CA VAL H 43 -21.15 29.59 26.81
C VAL H 43 -20.10 29.81 27.89
N ARG H 44 -19.04 29.01 27.84
CA ARG H 44 -17.93 29.11 28.78
C ARG H 44 -16.64 29.22 28.00
N VAL H 45 -15.66 29.89 28.58
CA VAL H 45 -14.37 30.06 27.92
C VAL H 45 -13.31 29.15 28.51
N ILE H 46 -12.68 28.35 27.67
CA ILE H 46 -11.63 27.45 28.13
C ILE H 46 -10.26 27.99 27.75
N GLU H 47 -9.52 28.42 28.77
CA GLU H 47 -8.17 28.92 28.59
C GLU H 47 -8.08 30.23 27.80
N GLU H 48 -8.88 31.19 28.22
CA GLU H 48 -8.92 32.53 27.63
C GLU H 48 -9.40 32.68 26.19
N CYS H 49 -9.46 31.61 25.41
CA CYS H 49 -9.91 31.78 24.04
C CYS H 49 -10.67 30.63 23.39
N HIS H 50 -10.75 29.49 24.07
CA HIS H 50 -11.49 28.36 23.50
C HIS H 50 -12.89 28.37 24.08
N TYR H 51 -13.88 28.48 23.21
CA TYR H 51 -15.27 28.52 23.64
C TYR H 51 -16.04 27.23 23.49
N THR H 52 -16.66 26.80 24.58
CA THR H 52 -17.46 25.58 24.62
C THR H 52 -18.87 25.92 25.07
N VAL H 53 -19.79 24.98 24.93
CA VAL H 53 -21.17 25.19 25.32
C VAL H 53 -21.54 24.16 26.39
N LEU H 54 -22.25 24.60 27.41
CA LEU H 54 -22.66 23.73 28.50
C LEU H 54 -23.99 23.03 28.22
N GLY H 55 -24.39 22.15 29.14
CA GLY H 55 -25.65 21.45 29.02
C GLY H 55 -25.72 20.26 28.07
N ASP H 56 -26.94 19.79 27.83
CA ASP H 56 -27.19 18.66 26.94
C ASP H 56 -28.03 19.09 25.74
N ALA H 57 -28.73 20.20 25.90
CA ALA H 57 -29.56 20.73 24.81
C ALA H 57 -28.70 21.03 23.60
N PHE H 58 -27.44 21.43 23.85
CA PHE H 58 -26.54 21.76 22.76
C PHE H 58 -26.06 20.47 22.09
N LYS H 59 -25.72 19.47 22.88
CA LYS H 59 -25.24 18.19 22.36
C LYS H 59 -26.07 17.66 21.21
N GLU H 60 -27.38 17.74 21.36
CA GLU H 60 -28.32 17.25 20.35
C GLU H 60 -28.36 18.12 19.10
N CYS H 61 -27.85 19.34 19.21
CA CYS H 61 -27.87 20.25 18.07
C CYS H 61 -26.79 20.00 17.03
N PHE H 62 -25.77 19.23 17.38
CA PHE H 62 -24.69 18.98 16.44
C PHE H 62 -24.33 17.50 16.29
N VAL H 63 -23.74 17.16 15.14
CA VAL H 63 -23.31 15.81 14.84
C VAL H 63 -21.79 15.79 14.76
N SER H 64 -21.18 14.68 15.17
CA SER H 64 -19.73 14.56 15.14
C SER H 64 -19.29 13.77 13.92
N ARG H 65 -18.03 13.95 13.53
CA ARG H 65 -17.50 13.26 12.37
C ARG H 65 -16.02 13.06 12.65
N PRO H 66 -15.69 12.02 13.43
CA PRO H 66 -14.34 11.64 13.85
C PRO H 66 -13.19 11.94 12.89
N HIS H 67 -12.05 12.27 13.47
CA HIS H 67 -10.83 12.58 12.73
C HIS H 67 -9.93 11.39 12.57
N PRO H 68 -9.36 11.22 11.38
CA PRO H 68 -8.48 10.07 11.23
C PRO H 68 -7.27 10.21 12.18
N LYS H 69 -7.50 9.88 13.45
CA LYS H 69 -6.52 9.97 14.53
C LYS H 69 -6.61 11.41 15.04
N PRO H 70 -5.66 11.86 15.87
CA PRO H 70 -5.83 13.25 16.34
C PRO H 70 -4.83 14.28 15.81
N LYS H 71 -4.16 14.88 16.79
CA LYS H 71 -3.14 15.91 16.63
C LYS H 71 -3.15 16.46 18.06
N GLN H 72 -2.11 16.11 18.81
CA GLN H 72 -1.98 16.41 20.24
C GLN H 72 -1.67 17.74 20.95
N PHE H 73 -0.92 18.68 20.38
CA PHE H 73 -0.64 19.87 21.18
C PHE H 73 -1.67 21.01 21.33
N SER H 74 -1.47 21.80 22.39
CA SER H 74 -2.35 22.91 22.81
C SER H 74 -3.20 22.36 23.95
N SER H 75 -3.62 23.24 24.85
CA SER H 75 -4.44 22.86 26.01
C SER H 75 -5.10 21.48 25.97
N PHE H 76 -5.74 21.14 24.85
CA PHE H 76 -6.43 19.86 24.70
C PHE H 76 -6.17 19.13 23.39
N GLU H 77 -6.82 17.97 23.22
CA GLU H 77 -6.68 17.17 22.02
C GLU H 77 -7.99 17.02 21.24
N LYS H 78 -7.93 17.30 19.94
CA LYS H 78 -9.10 17.22 19.09
C LYS H 78 -9.38 15.76 18.78
N ARG H 79 -10.61 15.45 18.40
CA ARG H 79 -11.00 14.09 18.09
C ARG H 79 -11.96 14.04 16.89
N ALA H 80 -12.53 15.19 16.55
CA ALA H 80 -13.46 15.27 15.43
C ALA H 80 -13.97 16.69 15.18
N LYS H 81 -14.60 16.88 14.03
CA LYS H 81 -15.19 18.16 13.66
C LYS H 81 -16.68 18.04 13.95
N ILE H 82 -17.33 19.16 14.25
CA ILE H 82 -18.78 19.13 14.53
C ILE H 82 -19.52 20.03 13.56
N PHE H 83 -20.72 19.59 13.17
CA PHE H 83 -21.53 20.35 12.23
C PHE H 83 -22.97 20.46 12.72
N CYS H 84 -23.73 21.40 12.14
CA CYS H 84 -25.13 21.61 12.50
C CYS H 84 -25.92 20.31 12.31
N ALA H 85 -26.61 19.87 13.35
CA ALA H 85 -27.37 18.62 13.27
C ALA H 85 -28.58 18.71 12.36
N ARG H 86 -29.06 19.91 12.10
CA ARG H 86 -30.22 20.09 11.23
C ARG H 86 -29.88 19.52 9.85
N GLN H 87 -30.71 18.60 9.38
CA GLN H 87 -30.47 17.97 8.08
C GLN H 87 -30.48 18.99 6.94
N ASN H 88 -29.71 18.67 5.90
CA ASN H 88 -29.58 19.53 4.73
C ASN H 88 -28.76 20.77 5.02
N CYS H 89 -28.09 20.78 6.17
CA CYS H 89 -27.24 21.91 6.56
C CYS H 89 -25.82 21.43 6.80
N SER H 90 -25.62 20.82 7.97
CA SER H 90 -24.31 20.32 8.36
C SER H 90 -23.23 21.36 8.11
N HIS H 91 -23.38 22.50 8.75
CA HIS H 91 -22.43 23.60 8.64
C HIS H 91 -21.33 23.37 9.68
N ASP H 92 -20.08 23.60 9.28
CA ASP H 92 -18.98 23.41 10.20
C ASP H 92 -19.19 24.32 11.41
N TRP H 93 -19.19 23.74 12.59
CA TRP H 93 -19.38 24.50 13.81
C TRP H 93 -18.10 24.57 14.63
N GLY H 94 -17.22 23.63 14.38
CA GLY H 94 -15.98 23.60 15.13
C GLY H 94 -15.48 22.19 15.35
N ILE H 95 -15.06 21.92 16.58
CA ILE H 95 -14.50 20.61 16.87
C ILE H 95 -14.89 20.04 18.22
N HIS H 96 -14.68 18.74 18.35
CA HIS H 96 -14.98 18.02 19.59
C HIS H 96 -13.62 17.61 20.14
N VAL H 97 -13.27 18.10 21.30
CA VAL H 97 -11.97 17.76 21.88
C VAL H 97 -12.12 17.11 23.23
N LYS H 98 -11.04 16.45 23.65
CA LYS H 98 -11.02 15.82 24.96
C LYS H 98 -10.12 16.70 25.80
N TYR H 99 -10.73 17.56 26.60
CA TYR H 99 -9.99 18.44 27.50
C TYR H 99 -9.50 17.47 28.56
N LYS H 100 -9.04 17.99 29.70
CA LYS H 100 -8.53 17.13 30.76
C LYS H 100 -9.40 15.90 31.06
N THR H 101 -9.22 14.85 30.26
CA THR H 101 -9.98 13.60 30.42
C THR H 101 -11.42 13.65 29.89
N PHE H 102 -12.04 14.84 29.95
CA PHE H 102 -13.42 15.03 29.48
C PHE H 102 -13.59 15.50 28.03
N GLU H 103 -14.73 15.16 27.42
CA GLU H 103 -15.03 15.53 26.04
C GLU H 103 -16.01 16.70 25.94
N ILE H 104 -15.66 17.72 25.17
CA ILE H 104 -16.53 18.87 25.00
C ILE H 104 -16.36 19.49 23.61
N PRO H 105 -17.34 20.31 23.18
CA PRO H 105 -17.31 20.99 21.88
C PRO H 105 -16.68 22.39 21.94
N VAL H 106 -15.88 22.72 20.95
CA VAL H 106 -15.28 24.04 20.90
C VAL H 106 -15.83 24.67 19.62
N ILE H 107 -16.56 25.76 19.78
CA ILE H 107 -17.19 26.43 18.64
C ILE H 107 -16.49 27.69 18.17
N LYS H 108 -16.64 27.99 16.88
CA LYS H 108 -16.02 29.16 16.30
C LYS H 108 -17.07 30.15 15.83
N ILE H 109 -17.19 31.24 16.58
CA ILE H 109 -18.18 32.29 16.34
C ILE H 109 -18.50 32.63 14.90
N GLU H 110 -17.61 32.35 13.97
CA GLU H 110 -17.86 32.67 12.56
C GLU H 110 -18.84 31.69 11.90
N SER H 111 -19.30 30.70 12.65
CA SER H 111 -20.22 29.73 12.12
C SER H 111 -21.60 30.04 12.62
N PHE H 112 -21.71 31.10 13.40
CA PHE H 112 -22.98 31.47 13.97
C PHE H 112 -23.33 32.92 13.71
N VAL H 113 -24.49 33.30 14.21
CA VAL H 113 -25.03 34.64 14.12
C VAL H 113 -25.55 34.88 15.51
N VAL H 114 -25.33 36.07 16.07
CA VAL H 114 -25.88 36.32 17.38
C VAL H 114 -27.13 37.15 17.13
N GLU H 115 -28.24 36.76 17.73
CA GLU H 115 -29.48 37.48 17.52
C GLU H 115 -29.93 38.15 18.80
N ASP H 116 -30.53 39.33 18.64
CA ASP H 116 -31.04 40.09 19.79
C ASP H 116 -32.39 39.44 20.13
N ILE H 117 -32.49 38.90 21.33
CA ILE H 117 -33.71 38.25 21.79
C ILE H 117 -34.92 39.18 21.69
N ALA H 118 -34.71 40.45 22.03
CA ALA H 118 -35.77 41.44 21.98
C ALA H 118 -35.87 42.09 20.61
N THR H 119 -34.77 42.71 20.19
CA THR H 119 -34.70 43.40 18.92
C THR H 119 -34.88 42.51 17.69
N GLY H 120 -34.16 41.39 17.65
CA GLY H 120 -34.24 40.49 16.51
C GLY H 120 -33.11 40.72 15.52
N VAL H 121 -32.29 41.74 15.80
CA VAL H 121 -31.15 42.10 14.96
C VAL H 121 -30.06 41.05 15.12
N GLN H 122 -29.34 40.79 14.03
CA GLN H 122 -28.30 39.79 14.04
C GLN H 122 -26.98 40.40 13.65
N THR H 123 -25.90 39.95 14.28
CA THR H 123 -24.59 40.47 13.92
C THR H 123 -23.66 39.31 13.62
N LEU H 124 -22.74 39.54 12.68
CA LEU H 124 -21.78 38.53 12.28
C LEU H 124 -20.39 38.92 12.73
N TYR H 125 -19.86 38.18 13.69
CA TYR H 125 -18.52 38.43 14.19
C TYR H 125 -17.61 37.42 13.50
N SER H 126 -16.40 37.82 13.18
CA SER H 126 -15.48 36.87 12.56
C SER H 126 -14.51 36.40 13.64
N LYS H 127 -14.50 37.08 14.77
CA LYS H 127 -13.59 36.74 15.88
C LYS H 127 -14.26 36.95 17.24
N TRP H 128 -13.97 36.06 18.20
CA TRP H 128 -14.57 36.16 19.54
C TRP H 128 -14.21 37.46 20.27
N LYS H 129 -12.98 37.94 20.08
CA LYS H 129 -12.53 39.17 20.71
C LYS H 129 -13.50 40.33 20.50
N ASP H 130 -14.18 40.34 19.36
CA ASP H 130 -15.11 41.41 19.03
C ASP H 130 -16.51 41.27 19.62
N PHE H 131 -16.84 40.08 20.10
CA PHE H 131 -18.16 39.81 20.65
C PHE H 131 -18.12 39.92 22.18
N HIS H 132 -18.69 40.99 22.71
CA HIS H 132 -18.68 41.22 24.15
C HIS H 132 -19.90 40.73 24.92
N PHE H 133 -19.65 39.93 25.94
CA PHE H 133 -20.68 39.38 26.78
C PHE H 133 -20.02 38.68 27.97
N GLU H 134 -20.80 38.26 28.97
CA GLU H 134 -20.26 37.58 30.15
C GLU H 134 -19.32 36.42 29.77
N LYS H 135 -18.03 36.68 29.67
CA LYS H 135 -17.09 35.63 29.32
C LYS H 135 -16.63 34.84 30.53
N ILE H 136 -17.50 33.91 30.93
CA ILE H 136 -17.27 33.05 32.07
C ILE H 136 -16.38 31.87 31.75
N PRO H 137 -15.20 31.80 32.41
CA PRO H 137 -14.26 30.70 32.17
C PRO H 137 -14.89 29.36 32.53
N PHE H 138 -14.34 28.28 31.97
CA PHE H 138 -14.87 26.93 32.20
C PHE H 138 -14.37 26.26 33.47
N ASP H 139 -15.31 25.81 34.30
CA ASP H 139 -15.01 25.13 35.56
C ASP H 139 -15.50 23.68 35.53
N PRO H 140 -14.55 22.71 35.52
CA PRO H 140 -14.86 21.28 35.48
C PRO H 140 -15.44 20.75 36.80
N ALA H 141 -16.53 21.37 37.23
CA ALA H 141 -17.20 20.98 38.47
C ALA H 141 -18.69 21.21 38.26
N GLU H 142 -19.01 22.10 37.33
CA GLU H 142 -20.39 22.42 37.00
C GLU H 142 -20.75 21.78 35.67
N MET H 143 -21.54 20.71 35.73
CA MET H 143 -21.96 19.99 34.52
C MET H 143 -20.75 19.45 33.75
N LYS I 23 28.40 -3.35 30.41
CA LYS I 23 27.53 -3.78 29.28
C LYS I 23 27.31 -2.59 28.34
N GLU I 24 26.52 -1.63 28.79
CA GLU I 24 26.24 -0.41 28.03
C GLU I 24 26.96 0.71 28.76
N ASN I 25 26.92 1.93 28.25
CA ASN I 25 27.62 3.02 28.92
C ASN I 25 27.08 3.32 30.33
N LYS I 26 27.99 3.63 31.25
CA LYS I 26 27.61 3.96 32.61
C LYS I 26 28.11 5.33 33.01
N LYS I 27 27.87 5.71 34.25
CA LYS I 27 28.27 7.02 34.73
C LYS I 27 29.20 6.89 35.92
N LEU I 28 30.19 7.75 36.01
CA LEU I 28 31.13 7.71 37.12
C LEU I 28 30.99 9.03 37.87
N LEU I 29 30.61 8.94 39.14
CA LEU I 29 30.43 10.15 39.94
C LEU I 29 31.43 10.15 41.08
N CYS I 30 31.77 11.35 41.56
CA CYS I 30 32.69 11.50 42.67
C CYS I 30 32.11 10.80 43.90
N ARG I 31 32.84 9.82 44.42
CA ARG I 31 32.38 9.06 45.59
C ARG I 31 31.85 9.91 46.72
N LYS I 32 32.28 11.17 46.81
CA LYS I 32 31.82 12.00 47.91
C LYS I 32 30.91 13.18 47.61
N CYS I 33 31.11 13.87 46.49
CA CYS I 33 30.26 15.01 46.15
C CYS I 33 29.20 14.58 45.13
N LYS I 34 29.24 13.30 44.77
CA LYS I 34 28.32 12.70 43.80
C LYS I 34 28.16 13.43 42.46
N ALA I 35 29.08 14.35 42.16
CA ALA I 35 29.02 15.11 40.91
C ALA I 35 29.61 14.32 39.73
N LEU I 36 28.83 14.22 38.66
CA LEU I 36 29.24 13.49 37.45
C LEU I 36 30.69 13.77 37.10
N ALA I 37 31.46 12.70 36.93
CA ALA I 37 32.86 12.81 36.59
C ALA I 37 33.07 12.50 35.11
N CYS I 38 32.55 11.37 34.66
CA CYS I 38 32.70 10.98 33.27
C CYS I 38 31.94 9.70 32.98
N TYR I 39 31.86 9.35 31.71
CA TYR I 39 31.18 8.13 31.32
C TYR I 39 32.23 7.09 31.03
N THR I 40 31.80 5.83 30.94
CA THR I 40 32.71 4.74 30.67
C THR I 40 33.11 4.78 29.19
N ALA I 41 32.40 5.59 28.41
CA ALA I 41 32.67 5.72 26.99
C ALA I 41 33.96 6.50 26.75
N ASP I 42 34.37 7.27 27.74
CA ASP I 42 35.58 8.08 27.62
C ASP I 42 36.74 7.46 28.39
N VAL I 43 36.59 6.20 28.80
CA VAL I 43 37.63 5.52 29.54
C VAL I 43 38.44 4.55 28.69
N ARG I 44 39.75 4.73 28.74
CA ARG I 44 40.70 3.92 27.98
C ARG I 44 41.72 3.29 28.92
N VAL I 45 42.11 2.06 28.61
CA VAL I 45 43.07 1.32 29.44
C VAL I 45 44.52 1.38 28.95
N ILE I 46 45.41 1.86 29.80
CA ILE I 46 46.84 1.94 29.51
C ILE I 46 47.56 0.79 30.22
N GLU I 47 48.47 0.13 29.50
CA GLU I 47 49.24 -0.97 30.06
C GLU I 47 48.36 -2.01 30.74
N GLU I 48 47.07 -1.98 30.41
CA GLU I 48 46.08 -2.93 30.93
C GLU I 48 45.52 -2.66 32.32
N CYS I 49 46.24 -1.94 33.14
CA CYS I 49 45.75 -1.71 34.51
C CYS I 49 45.56 -0.25 34.91
N HIS I 50 45.99 0.68 34.05
CA HIS I 50 45.82 2.08 34.35
C HIS I 50 44.69 2.65 33.51
N TYR I 51 43.78 3.36 34.15
CA TYR I 51 42.65 3.91 33.41
C TYR I 51 42.71 5.43 33.29
N THR I 52 42.44 5.91 32.08
CA THR I 52 42.47 7.33 31.80
C THR I 52 41.16 7.79 31.14
N VAL I 53 40.96 9.11 31.08
CA VAL I 53 39.75 9.67 30.50
C VAL I 53 40.04 10.69 29.40
N LEU I 54 39.44 10.47 28.24
CA LEU I 54 39.59 11.36 27.08
C LEU I 54 38.84 12.66 27.31
N GLY I 55 38.29 13.20 26.21
CA GLY I 55 37.50 14.43 26.26
C GLY I 55 38.06 15.67 26.94
N ASP I 56 37.53 16.83 26.54
CA ASP I 56 37.95 18.10 27.12
C ASP I 56 37.16 18.35 28.40
N ALA I 57 35.99 17.71 28.48
CA ALA I 57 35.10 17.84 29.63
C ALA I 57 35.79 17.43 30.93
N PHE I 58 36.15 16.14 31.02
CA PHE I 58 36.80 15.61 32.21
C PHE I 58 37.78 16.61 32.80
N LYS I 59 38.49 17.31 31.93
CA LYS I 59 39.47 18.32 32.34
C LYS I 59 38.78 19.34 33.23
N GLU I 60 37.63 19.82 32.75
CA GLU I 60 36.84 20.81 33.47
C GLU I 60 36.00 20.06 34.51
N CYS I 61 36.61 19.06 35.15
CA CYS I 61 35.95 18.26 36.18
C CYS I 61 36.88 17.99 37.34
N PHE I 62 38.19 18.14 37.12
CA PHE I 62 39.17 17.91 38.17
C PHE I 62 40.27 18.96 38.23
N VAL I 63 41.08 18.89 39.28
CA VAL I 63 42.19 19.81 39.48
C VAL I 63 43.43 18.98 39.79
N SER I 64 44.59 19.43 39.30
CA SER I 64 45.83 18.72 39.53
C SER I 64 46.74 19.52 40.47
N ARG I 65 47.45 18.82 41.34
CA ARG I 65 48.38 19.44 42.27
C ARG I 65 49.72 18.72 42.24
N PRO I 66 50.80 19.47 41.98
CA PRO I 66 52.15 18.90 41.92
C PRO I 66 52.43 18.03 43.14
N HIS I 67 53.25 17.01 42.97
CA HIS I 67 53.50 16.12 44.09
C HIS I 67 54.97 15.80 44.32
N PRO I 68 55.81 16.82 44.60
CA PRO I 68 57.24 16.56 44.82
C PRO I 68 57.56 15.07 44.88
N LYS I 69 57.81 14.52 46.06
CA LYS I 69 58.08 13.07 46.17
C LYS I 69 57.09 12.28 45.31
N PRO I 70 57.50 11.92 44.10
CA PRO I 70 56.62 11.17 43.22
C PRO I 70 56.90 9.69 43.37
N LYS I 71 56.11 8.86 42.69
CA LYS I 71 56.32 7.41 42.77
C LYS I 71 56.73 6.86 41.41
N GLN I 72 57.36 5.69 41.43
CA GLN I 72 57.84 5.06 40.20
C GLN I 72 56.85 4.15 39.47
N PHE I 73 56.81 4.32 38.16
CA PHE I 73 55.93 3.52 37.30
C PHE I 73 56.65 3.28 35.98
N SER I 74 56.91 2.01 35.68
CA SER I 74 57.61 1.63 34.45
C SER I 74 56.72 1.73 33.23
N SER I 75 55.86 2.74 33.18
CA SER I 75 54.95 2.95 32.06
C SER I 75 54.82 4.43 31.75
N PHE I 76 54.69 5.24 32.80
CA PHE I 76 54.56 6.69 32.67
C PHE I 76 55.29 7.40 33.81
N GLU I 77 55.21 8.73 33.82
CA GLU I 77 55.86 9.51 34.85
C GLU I 77 54.81 10.32 35.62
N LYS I 78 54.79 10.14 36.94
CA LYS I 78 53.85 10.82 37.83
C LYS I 78 54.30 12.28 37.98
N ARG I 79 53.34 13.20 37.96
CA ARG I 79 53.65 14.62 38.10
C ARG I 79 52.73 15.37 39.04
N ALA I 80 51.56 14.80 39.30
CA ALA I 80 50.60 15.45 40.18
C ALA I 80 49.44 14.54 40.52
N LYS I 81 48.72 14.88 41.59
CA LYS I 81 47.56 14.11 42.01
C LYS I 81 46.30 14.78 41.52
N ILE I 82 45.36 13.98 41.04
CA ILE I 82 44.10 14.50 40.54
C ILE I 82 43.10 14.65 41.69
N PHE I 83 42.34 15.75 41.67
CA PHE I 83 41.34 16.00 42.72
C PHE I 83 40.06 16.57 42.12
N CYS I 84 38.92 16.14 42.64
CA CYS I 84 37.62 16.64 42.19
C CYS I 84 37.64 18.16 42.24
N ALA I 85 37.29 18.79 41.13
CA ALA I 85 37.28 20.25 41.04
C ALA I 85 36.34 20.89 42.07
N ARG I 86 35.08 20.45 42.06
CA ARG I 86 34.05 20.94 42.98
C ARG I 86 34.63 21.50 44.27
N GLN I 87 34.56 22.82 44.43
CA GLN I 87 35.08 23.46 45.63
C GLN I 87 34.40 22.87 46.86
N ASN I 88 35.15 22.77 47.95
CA ASN I 88 34.64 22.20 49.21
C ASN I 88 34.50 20.69 49.13
N CYS I 89 35.21 20.08 48.20
CA CYS I 89 35.20 18.62 48.03
C CYS I 89 36.64 18.17 47.84
N SER I 90 37.24 18.61 46.74
CA SER I 90 38.61 18.26 46.42
C SER I 90 38.93 16.82 46.86
N HIS I 91 38.12 15.88 46.37
CA HIS I 91 38.30 14.47 46.70
C HIS I 91 39.39 13.91 45.79
N ASP I 92 40.20 13.00 46.33
CA ASP I 92 41.28 12.41 45.56
C ASP I 92 40.75 11.44 44.51
N TRP I 93 40.88 11.81 43.24
CA TRP I 93 40.43 10.97 42.14
C TRP I 93 41.60 10.12 41.62
N GLY I 94 42.79 10.72 41.59
CA GLY I 94 43.95 9.98 41.12
C GLY I 94 45.24 10.76 40.96
N ILE I 95 45.92 10.49 39.86
CA ILE I 95 47.20 11.13 39.56
C ILE I 95 47.21 11.55 38.10
N HIS I 96 48.11 12.45 37.76
CA HIS I 96 48.24 12.89 36.37
C HIS I 96 49.67 12.55 35.99
N VAL I 97 49.85 11.93 34.82
CA VAL I 97 51.17 11.53 34.40
C VAL I 97 51.49 11.83 32.94
N LYS I 98 52.72 11.50 32.54
CA LYS I 98 53.16 11.68 31.17
C LYS I 98 53.32 10.28 30.61
N TYR I 99 52.49 9.95 29.61
CA TYR I 99 52.54 8.64 28.98
C TYR I 99 53.02 8.81 27.56
N LYS I 100 54.12 8.14 27.23
CA LYS I 100 54.68 8.23 25.90
C LYS I 100 54.83 9.69 25.53
N THR I 101 53.97 10.17 24.63
CA THR I 101 54.05 11.57 24.21
C THR I 101 52.99 12.46 24.88
N PHE I 102 52.03 11.85 25.57
CA PHE I 102 50.94 12.60 26.20
C PHE I 102 50.92 12.75 27.72
N GLU I 103 50.41 13.90 28.18
CA GLU I 103 50.25 14.18 29.60
C GLU I 103 48.77 13.86 29.89
N ILE I 104 48.52 12.84 30.70
CA ILE I 104 47.14 12.44 30.95
C ILE I 104 46.76 12.14 32.41
N PRO I 105 45.45 12.12 32.70
CA PRO I 105 44.89 11.84 34.03
C PRO I 105 44.64 10.35 34.22
N VAL I 106 44.97 9.84 35.40
CA VAL I 106 44.77 8.42 35.73
C VAL I 106 43.92 8.34 36.99
N ILE I 107 42.73 7.77 36.86
CA ILE I 107 41.78 7.69 37.96
C ILE I 107 41.65 6.35 38.65
N LYS I 108 41.68 6.38 39.98
CA LYS I 108 41.51 5.16 40.74
C LYS I 108 40.00 5.08 40.97
N ILE I 109 39.40 3.97 40.51
CA ILE I 109 37.97 3.84 40.63
C ILE I 109 37.35 3.93 42.02
N GLU I 110 38.04 3.43 43.04
CA GLU I 110 37.51 3.47 44.41
C GLU I 110 37.03 4.88 44.74
N SER I 111 37.58 5.86 44.03
CA SER I 111 37.23 7.25 44.26
C SER I 111 35.97 7.67 43.51
N PHE I 112 35.22 6.69 43.03
CA PHE I 112 34.00 7.00 42.31
C PHE I 112 32.84 6.08 42.66
N VAL I 113 31.71 6.34 42.03
CA VAL I 113 30.52 5.53 42.19
C VAL I 113 30.05 5.38 40.77
N VAL I 114 30.00 4.16 40.27
CA VAL I 114 29.54 3.95 38.91
C VAL I 114 28.02 3.91 38.98
N GLU I 115 27.37 4.78 38.22
CA GLU I 115 25.91 4.85 38.23
C GLU I 115 25.27 4.37 36.95
N ASP I 116 24.45 3.33 37.05
CA ASP I 116 23.74 2.81 35.90
C ASP I 116 22.82 3.95 35.51
N ILE I 117 22.78 4.29 34.24
CA ILE I 117 21.95 5.40 33.81
C ILE I 117 20.51 5.02 33.48
N ALA I 118 20.27 3.77 33.11
CA ALA I 118 18.91 3.33 32.84
C ALA I 118 18.17 3.45 34.17
N THR I 119 18.63 2.67 35.14
CA THR I 119 18.07 2.70 36.48
C THR I 119 18.97 3.70 37.19
N GLY I 120 18.97 3.70 38.52
CA GLY I 120 19.83 4.62 39.23
C GLY I 120 20.70 3.83 40.19
N VAL I 121 20.78 2.53 39.95
CA VAL I 121 21.56 1.67 40.82
C VAL I 121 23.03 2.07 40.82
N GLN I 122 23.58 2.23 42.01
CA GLN I 122 24.96 2.63 42.13
C GLN I 122 25.75 1.47 42.73
N THR I 123 26.98 1.33 42.28
CA THR I 123 27.83 0.28 42.79
C THR I 123 29.23 0.82 43.06
N LEU I 124 29.78 0.44 44.21
CA LEU I 124 31.11 0.88 44.60
C LEU I 124 32.12 -0.23 44.32
N TYR I 125 33.26 0.15 43.75
CA TYR I 125 34.32 -0.79 43.41
C TYR I 125 35.63 -0.39 44.07
N SER I 126 36.38 -1.37 44.56
CA SER I 126 37.65 -1.08 45.20
C SER I 126 38.77 -1.31 44.18
N LYS I 127 38.53 -2.23 43.24
CA LYS I 127 39.53 -2.55 42.25
C LYS I 127 38.96 -2.71 40.83
N TRP I 128 39.64 -2.12 39.84
CA TRP I 128 39.17 -2.20 38.46
C TRP I 128 38.99 -3.61 37.94
N LYS I 129 39.77 -4.57 38.44
CA LYS I 129 39.61 -5.93 37.95
C LYS I 129 38.18 -6.44 38.14
N ASP I 130 37.42 -5.80 39.04
CA ASP I 130 36.06 -6.22 39.32
C ASP I 130 34.97 -5.48 38.56
N PHE I 131 35.30 -4.30 38.03
CA PHE I 131 34.32 -3.51 37.28
C PHE I 131 34.41 -3.95 35.83
N HIS I 132 33.46 -4.75 35.39
CA HIS I 132 33.48 -5.24 34.01
C HIS I 132 32.66 -4.42 33.01
N PHE I 133 33.34 -3.68 32.15
CA PHE I 133 32.70 -2.87 31.12
C PHE I 133 33.57 -2.89 29.87
N GLU I 134 33.11 -2.24 28.81
CA GLU I 134 33.89 -2.19 27.57
C GLU I 134 35.23 -1.50 27.86
N LYS I 135 36.23 -2.29 28.25
CA LYS I 135 37.54 -1.74 28.55
C LYS I 135 38.37 -1.63 27.27
N ILE I 136 38.38 -0.43 26.71
CA ILE I 136 39.08 -0.14 25.47
C ILE I 136 40.54 0.29 25.65
N PRO I 137 41.46 -0.38 24.94
CA PRO I 137 42.88 -0.08 25.03
C PRO I 137 43.13 1.38 24.66
N PHE I 138 44.03 2.05 25.39
CA PHE I 138 44.35 3.43 25.09
C PHE I 138 44.91 3.52 23.67
N ASP I 139 44.34 4.40 22.87
CA ASP I 139 44.75 4.57 21.48
C ASP I 139 45.49 5.88 21.23
N PRO I 140 46.80 5.79 20.93
CA PRO I 140 47.58 7.00 20.69
C PRO I 140 47.15 7.64 19.38
N ALA I 141 46.70 6.80 18.45
CA ALA I 141 46.23 7.26 17.14
C ALA I 141 45.16 8.32 17.32
N GLU I 142 44.71 8.48 18.56
CA GLU I 142 43.71 9.47 18.90
C GLU I 142 44.41 10.55 19.72
N MET I 143 43.68 11.16 20.66
CA MET I 143 44.24 12.22 21.48
C MET I 143 45.01 11.63 22.67
N LYS J 23 -48.94 -3.16 3.05
CA LYS J 23 -49.51 -4.36 2.36
C LYS J 23 -48.99 -5.65 3.00
N GLU J 24 -48.61 -6.63 2.16
CA GLU J 24 -48.10 -7.91 2.66
C GLU J 24 -46.99 -7.66 3.66
N ASN J 25 -46.70 -8.66 4.49
CA ASN J 25 -45.66 -8.55 5.50
C ASN J 25 -44.27 -8.45 4.86
N LYS J 26 -43.49 -7.47 5.30
CA LYS J 26 -42.15 -7.27 4.77
C LYS J 26 -41.10 -7.47 5.85
N LYS J 27 -39.85 -7.24 5.49
CA LYS J 27 -38.73 -7.42 6.40
C LYS J 27 -37.86 -6.16 6.50
N LEU J 28 -37.22 -5.96 7.65
CA LEU J 28 -36.35 -4.81 7.84
C LEU J 28 -34.93 -5.28 8.09
N LEU J 29 -34.00 -4.81 7.26
CA LEU J 29 -32.60 -5.18 7.39
C LEU J 29 -31.81 -3.99 7.89
N CYS J 30 -30.76 -4.23 8.66
CA CYS J 30 -29.95 -3.13 9.15
C CYS J 30 -29.44 -2.39 7.93
N ARG J 31 -29.56 -1.06 7.93
CA ARG J 31 -29.11 -0.26 6.81
C ARG J 31 -27.76 -0.79 6.30
N LYS J 32 -26.81 -0.97 7.22
CA LYS J 32 -25.50 -1.49 6.86
C LYS J 32 -25.52 -3.03 6.80
N CYS J 33 -25.21 -3.68 7.91
CA CYS J 33 -25.24 -5.15 7.89
C CYS J 33 -26.64 -5.58 7.43
N LYS J 34 -26.76 -5.97 6.17
CA LYS J 34 -28.06 -6.38 5.65
C LYS J 34 -28.58 -7.62 6.39
N ALA J 35 -28.44 -7.59 7.71
CA ALA J 35 -28.88 -8.69 8.56
C ALA J 35 -30.30 -8.41 9.06
N LEU J 36 -31.03 -9.47 9.36
CA LEU J 36 -32.41 -9.36 9.83
C LEU J 36 -32.52 -8.45 11.03
N ALA J 37 -33.77 -8.16 11.42
CA ALA J 37 -34.05 -7.30 12.56
C ALA J 37 -35.46 -7.61 13.06
N CYS J 38 -36.41 -7.67 12.14
CA CYS J 38 -37.80 -7.94 12.49
C CYS J 38 -38.71 -7.79 11.28
N TYR J 39 -39.94 -8.26 11.42
CA TYR J 39 -40.92 -8.18 10.35
C TYR J 39 -41.97 -7.14 10.71
N THR J 40 -42.40 -6.36 9.71
CA THR J 40 -43.41 -5.34 9.92
C THR J 40 -44.57 -5.88 10.73
N ALA J 41 -44.86 -7.17 10.52
CA ALA J 41 -45.95 -7.81 11.22
C ALA J 41 -45.78 -7.78 12.73
N ASP J 42 -44.60 -7.37 13.18
CA ASP J 42 -44.30 -7.31 14.60
C ASP J 42 -44.10 -5.88 15.09
N VAL J 43 -44.21 -4.92 14.19
CA VAL J 43 -44.03 -3.53 14.58
C VAL J 43 -45.36 -2.99 15.07
N ARG J 44 -45.31 -2.13 16.07
CA ARG J 44 -46.52 -1.53 16.62
C ARG J 44 -46.26 -0.05 16.73
N VAL J 45 -47.33 0.74 16.70
CA VAL J 45 -47.17 2.19 16.77
C VAL J 45 -47.68 2.81 18.07
N ILE J 46 -46.82 3.61 18.68
CA ILE J 46 -47.14 4.32 19.90
C ILE J 46 -47.41 5.76 19.52
N GLU J 47 -48.55 6.29 19.96
CA GLU J 47 -48.95 7.67 19.69
C GLU J 47 -48.93 8.03 18.20
N GLU J 48 -49.26 7.07 17.36
CA GLU J 48 -49.30 7.28 15.92
C GLU J 48 -47.95 7.45 15.23
N CYS J 49 -46.90 7.83 15.97
CA CYS J 49 -45.62 8.07 15.33
C CYS J 49 -44.37 7.41 15.93
N HIS J 50 -44.53 6.46 16.83
CA HIS J 50 -43.37 5.79 17.42
C HIS J 50 -43.50 4.30 17.20
N TYR J 51 -42.51 3.73 16.52
CA TYR J 51 -42.58 2.31 16.21
C TYR J 51 -41.64 1.46 17.05
N THR J 52 -42.19 0.37 17.59
CA THR J 52 -41.42 -0.57 18.40
C THR J 52 -41.68 -1.97 17.84
N VAL J 53 -40.93 -2.96 18.33
CA VAL J 53 -41.11 -4.33 17.85
C VAL J 53 -41.41 -5.33 18.96
N LEU J 54 -42.48 -6.09 18.78
CA LEU J 54 -42.86 -7.11 19.74
C LEU J 54 -41.96 -8.33 19.59
N GLY J 55 -42.24 -9.38 20.35
CA GLY J 55 -41.44 -10.58 20.28
C GLY J 55 -40.09 -10.46 20.97
N ASP J 56 -39.56 -11.58 21.42
CA ASP J 56 -38.28 -11.60 22.11
C ASP J 56 -37.13 -11.61 21.12
N ALA J 57 -37.36 -12.24 19.98
CA ALA J 57 -36.38 -12.35 18.92
C ALA J 57 -35.68 -11.03 18.61
N PHE J 58 -36.46 -9.97 18.40
CA PHE J 58 -35.89 -8.67 18.10
C PHE J 58 -34.93 -8.23 19.19
N LYS J 59 -35.28 -8.55 20.44
CA LYS J 59 -34.44 -8.15 21.56
C LYS J 59 -33.00 -8.63 21.34
N GLU J 60 -32.86 -9.92 21.07
CA GLU J 60 -31.55 -10.53 20.84
C GLU J 60 -30.86 -9.97 19.59
N CYS J 61 -31.51 -9.02 18.91
CA CYS J 61 -30.95 -8.44 17.71
C CYS J 61 -30.35 -7.05 17.90
N PHE J 62 -30.67 -6.40 19.02
CA PHE J 62 -30.12 -5.08 19.29
C PHE J 62 -29.32 -5.04 20.58
N VAL J 63 -28.40 -4.09 20.67
CA VAL J 63 -27.55 -3.94 21.84
C VAL J 63 -27.67 -2.55 22.45
N SER J 64 -28.17 -2.50 23.67
CA SER J 64 -28.36 -1.25 24.41
C SER J 64 -27.02 -0.78 24.95
N ARG J 65 -27.00 0.45 25.46
CA ARG J 65 -25.79 1.04 26.02
C ARG J 65 -26.20 2.28 26.80
N PRO J 66 -26.64 2.07 28.05
CA PRO J 66 -27.08 3.12 28.95
C PRO J 66 -26.54 4.53 28.70
N HIS J 67 -27.47 5.46 28.49
CA HIS J 67 -27.19 6.87 28.27
C HIS J 67 -28.39 7.50 28.96
N PRO J 68 -29.11 8.47 28.34
CA PRO J 68 -29.15 9.21 27.07
C PRO J 68 -29.31 10.68 27.44
N LYS J 69 -29.89 10.90 28.61
CA LYS J 69 -30.17 12.17 29.20
C LYS J 69 -30.83 11.77 30.54
N PRO J 70 -32.18 11.53 30.61
CA PRO J 70 -33.21 11.61 29.56
C PRO J 70 -34.27 12.67 30.02
N LYS J 71 -35.26 12.94 29.17
CA LYS J 71 -36.28 13.91 29.53
C LYS J 71 -37.71 13.39 29.33
N GLN J 72 -38.70 14.27 29.45
CA GLN J 72 -40.10 13.86 29.36
C GLN J 72 -40.76 13.58 28.02
N PHE J 73 -40.32 14.28 26.98
CA PHE J 73 -40.89 14.12 25.65
C PHE J 73 -42.40 14.36 25.54
N SER J 74 -43.15 13.78 26.48
CA SER J 74 -44.60 13.85 26.59
C SER J 74 -45.28 12.59 26.04
N SER J 75 -45.10 11.45 26.70
CA SER J 75 -45.69 10.19 26.22
C SER J 75 -44.92 9.01 26.82
N PHE J 76 -43.60 9.17 26.91
CA PHE J 76 -42.74 8.12 27.46
C PHE J 76 -41.38 8.66 27.94
N GLU J 77 -40.52 7.75 28.42
CA GLU J 77 -39.20 8.15 28.91
C GLU J 77 -38.06 7.38 28.23
N LYS J 78 -37.09 8.12 27.72
CA LYS J 78 -35.94 7.51 27.04
C LYS J 78 -35.01 6.90 28.07
N ARG J 79 -34.44 5.74 27.75
CA ARG J 79 -33.55 5.04 28.66
C ARG J 79 -32.12 5.06 28.13
N ALA J 80 -31.97 4.73 26.86
CA ALA J 80 -30.66 4.70 26.22
C ALA J 80 -30.84 4.46 24.72
N LYS J 81 -29.77 4.62 23.96
CA LYS J 81 -29.85 4.40 22.52
C LYS J 81 -29.82 2.92 22.21
N ILE J 82 -30.24 2.57 20.99
CA ILE J 82 -30.27 1.19 20.54
C ILE J 82 -29.31 1.01 19.37
N PHE J 83 -28.52 -0.07 19.42
CA PHE J 83 -27.55 -0.34 18.36
C PHE J 83 -27.67 -1.78 17.85
N CYS J 84 -27.18 -2.03 16.64
CA CYS J 84 -27.23 -3.35 16.03
C CYS J 84 -26.48 -4.36 16.89
N ALA J 85 -27.05 -5.55 17.06
CA ALA J 85 -26.42 -6.59 17.88
C ALA J 85 -25.10 -7.04 17.26
N ARG J 86 -25.18 -7.65 16.08
CA ARG J 86 -23.99 -8.13 15.38
C ARG J 86 -22.83 -7.15 15.43
N GLN J 87 -21.67 -7.66 15.83
CA GLN J 87 -20.46 -6.85 15.92
C GLN J 87 -20.02 -6.46 14.51
N ASN J 88 -19.20 -5.40 14.44
CA ASN J 88 -18.67 -4.87 13.17
C ASN J 88 -19.59 -3.79 12.57
N CYS J 89 -20.64 -3.42 13.32
CA CYS J 89 -21.58 -2.40 12.87
C CYS J 89 -22.48 -1.95 14.02
N SER J 90 -22.02 -0.99 14.81
CA SER J 90 -22.80 -0.46 15.92
C SER J 90 -23.69 0.65 15.35
N HIS J 91 -24.42 0.33 14.29
CA HIS J 91 -25.30 1.29 13.65
C HIS J 91 -26.45 1.72 14.55
N ASP J 92 -26.53 3.01 14.81
CA ASP J 92 -27.57 3.56 15.66
C ASP J 92 -28.98 3.30 15.15
N TRP J 93 -29.61 2.27 15.69
CA TRP J 93 -30.97 1.90 15.31
C TRP J 93 -32.00 2.85 15.88
N GLY J 94 -31.74 3.39 17.07
CA GLY J 94 -32.68 4.30 17.67
C GLY J 94 -32.49 4.55 19.15
N ILE J 95 -33.50 4.20 19.95
CA ILE J 95 -33.48 4.40 21.40
C ILE J 95 -34.41 3.42 22.11
N HIS J 96 -34.16 3.20 23.40
CA HIS J 96 -35.01 2.32 24.20
C HIS J 96 -35.75 3.22 25.18
N VAL J 97 -37.00 2.89 25.49
CA VAL J 97 -37.79 3.70 26.39
C VAL J 97 -38.75 2.91 27.27
N LYS J 98 -39.39 3.62 28.19
CA LYS J 98 -40.38 3.06 29.11
C LYS J 98 -41.69 3.77 28.83
N TYR J 99 -42.61 3.09 28.18
CA TYR J 99 -43.91 3.67 27.85
C TYR J 99 -44.96 3.19 28.84
N LYS J 100 -45.73 4.13 29.38
CA LYS J 100 -46.76 3.83 30.37
C LYS J 100 -46.19 2.90 31.41
N THR J 101 -46.48 1.61 31.28
CA THR J 101 -45.98 0.61 32.22
C THR J 101 -44.71 -0.01 31.67
N PHE J 102 -44.83 -0.63 30.50
CA PHE J 102 -43.73 -1.32 29.84
C PHE J 102 -42.57 -0.43 29.39
N GLU J 103 -41.47 -1.09 29.08
CA GLU J 103 -40.24 -0.45 28.59
C GLU J 103 -39.91 -1.12 27.27
N ILE J 104 -39.99 -0.38 26.17
CA ILE J 104 -39.73 -0.96 24.86
C ILE J 104 -38.74 -0.14 24.01
N PRO J 105 -38.27 -0.75 22.90
CA PRO J 105 -37.33 -0.14 21.95
C PRO J 105 -38.08 0.62 20.84
N VAL J 106 -37.60 1.81 20.50
CA VAL J 106 -38.22 2.62 19.45
C VAL J 106 -37.23 2.88 18.32
N ILE J 107 -37.40 2.11 17.25
CA ILE J 107 -36.54 2.16 16.07
C ILE J 107 -36.82 3.25 15.06
N LYS J 108 -35.77 3.66 14.35
CA LYS J 108 -35.88 4.68 13.30
C LYS J 108 -35.87 3.96 11.96
N ILE J 109 -36.78 4.32 11.07
CA ILE J 109 -36.85 3.67 9.78
C ILE J 109 -35.66 3.98 8.86
N GLU J 110 -35.01 5.11 9.08
CA GLU J 110 -33.87 5.50 8.26
C GLU J 110 -32.64 4.63 8.52
N SER J 111 -32.71 3.80 9.55
CA SER J 111 -31.62 2.93 9.92
C SER J 111 -31.84 1.52 9.43
N PHE J 112 -32.66 1.36 8.41
CA PHE J 112 -32.96 0.02 7.89
C PHE J 112 -33.18 -0.02 6.39
N VAL J 113 -33.54 -1.21 5.92
CA VAL J 113 -33.84 -1.45 4.51
C VAL J 113 -34.99 -2.42 4.52
N VAL J 114 -36.15 -1.98 4.02
CA VAL J 114 -37.30 -2.87 4.00
C VAL J 114 -37.34 -3.58 2.67
N GLU J 115 -37.45 -4.91 2.75
CA GLU J 115 -37.48 -5.77 1.57
C GLU J 115 -38.76 -6.58 1.48
N ASP J 116 -39.35 -6.64 0.29
CA ASP J 116 -40.58 -7.38 0.06
C ASP J 116 -40.30 -8.86 -0.14
N ILE J 117 -40.45 -9.63 0.93
CA ILE J 117 -40.21 -11.07 0.92
C ILE J 117 -40.30 -11.83 -0.42
N ALA J 118 -41.46 -11.77 -1.06
CA ALA J 118 -41.67 -12.49 -2.33
C ALA J 118 -40.94 -11.95 -3.55
N THR J 119 -40.69 -10.65 -3.59
CA THR J 119 -40.04 -10.06 -4.75
C THR J 119 -38.58 -9.69 -4.52
N GLY J 120 -38.23 -9.46 -3.27
CA GLY J 120 -36.86 -9.09 -2.97
C GLY J 120 -36.57 -7.62 -3.18
N VAL J 121 -37.55 -6.87 -3.65
CA VAL J 121 -37.33 -5.45 -3.88
C VAL J 121 -37.03 -4.76 -2.55
N GLN J 122 -36.07 -3.86 -2.55
CA GLN J 122 -35.70 -3.15 -1.35
C GLN J 122 -35.98 -1.66 -1.47
N THR J 123 -36.35 -1.04 -0.36
CA THR J 123 -36.63 0.38 -0.38
C THR J 123 -36.05 1.06 0.85
N LEU J 124 -35.52 2.26 0.63
CA LEU J 124 -34.92 3.04 1.69
C LEU J 124 -35.72 4.29 2.03
N TYR J 125 -36.50 4.20 3.10
CA TYR J 125 -37.31 5.33 3.56
C TYR J 125 -36.46 6.07 4.57
N SER J 126 -36.79 7.34 4.80
CA SER J 126 -36.06 8.13 5.78
C SER J 126 -37.06 8.61 6.80
N LYS J 127 -38.34 8.38 6.51
CA LYS J 127 -39.42 8.79 7.41
C LYS J 127 -40.61 7.83 7.37
N TRP J 128 -40.99 7.32 8.55
CA TRP J 128 -42.10 6.37 8.65
C TRP J 128 -43.30 6.91 7.93
N LYS J 129 -43.41 8.24 7.93
CA LYS J 129 -44.49 8.92 7.26
C LYS J 129 -44.71 8.34 5.87
N ASP J 130 -43.63 8.08 5.16
CA ASP J 130 -43.70 7.58 3.79
C ASP J 130 -43.82 6.07 3.58
N PHE J 131 -43.48 5.30 4.59
CA PHE J 131 -43.58 3.84 4.51
C PHE J 131 -45.02 3.42 4.81
N HIS J 132 -45.70 2.85 3.81
CA HIS J 132 -47.08 2.43 3.97
C HIS J 132 -47.27 0.93 4.10
N PHE J 133 -47.60 0.49 5.31
CA PHE J 133 -47.84 -0.92 5.59
C PHE J 133 -48.89 -0.97 6.71
N GLU J 134 -49.26 -2.17 7.12
CA GLU J 134 -50.24 -2.31 8.20
C GLU J 134 -49.65 -1.80 9.51
N LYS J 135 -49.95 -0.55 9.85
CA LYS J 135 -49.45 0.05 11.10
C LYS J 135 -50.40 -0.22 12.26
N ILE J 136 -50.10 -1.25 13.04
CA ILE J 136 -50.93 -1.64 14.18
C ILE J 136 -50.67 -0.79 15.43
N PRO J 137 -51.73 -0.18 15.99
CA PRO J 137 -51.59 0.65 17.20
C PRO J 137 -51.10 -0.21 18.35
N PHE J 138 -50.16 0.29 19.12
CA PHE J 138 -49.65 -0.47 20.26
C PHE J 138 -50.82 -0.84 21.15
N ASP J 139 -50.84 -2.09 21.61
CA ASP J 139 -51.92 -2.54 22.48
C ASP J 139 -51.39 -3.18 23.75
N PRO J 140 -51.57 -2.51 24.89
CA PRO J 140 -51.12 -2.98 26.21
C PRO J 140 -51.76 -4.32 26.59
N ALA J 141 -52.96 -4.57 26.08
CA ALA J 141 -53.68 -5.80 26.36
C ALA J 141 -52.72 -6.98 26.32
N GLU J 142 -51.98 -7.10 25.22
CA GLU J 142 -51.02 -8.17 25.08
C GLU J 142 -49.81 -7.81 25.95
N MET J 143 -48.64 -8.33 25.61
CA MET J 143 -47.43 -8.04 26.36
C MET J 143 -46.50 -7.10 25.60
HG HG K . -12.17 -16.79 -19.21
HG HG L . 35.30 -28.15 -33.34
HG HG M . -10.00 37.13 0.60
HG HG N . 39.95 -42.82 -14.96
HG HG O . -12.62 3.14 -36.54
HG HG P . -18.78 0.89 35.48
HG HG Q . -22.83 6.10 -12.58
HG HG R . -27.54 24.61 10.39
HG HG S . 33.67 15.65 44.48
HG HG T . -25.47 -3.85 11.38
#